data_3GGZ
#
_entry.id   3GGZ
#
_cell.length_a   165.916
_cell.length_b   165.916
_cell.length_c   121.559
_cell.angle_alpha   90.00
_cell.angle_beta   90.00
_cell.angle_gamma   90.00
#
_symmetry.space_group_name_H-M   'P 42 2 2'
#
loop_
_entity.id
_entity.type
_entity.pdbx_description
1 polymer 'Increased sodium tolerance protein 1'
2 polymer 'Vacuolar protein-sorting-associated protein 46'
#
loop_
_entity_poly.entity_id
_entity_poly.type
_entity_poly.pdbx_seq_one_letter_code
_entity_poly.pdbx_strand_id
1 'polypeptide(L)'
;MAPSMIPFTIKLKTCLKMCIQRLRYAQEKQQAIAKQSRRQVAQLLLTNKEQKAHYRVETLIHDDIHIELLEILELYCELL
LARVQVINDISTEEQLVKEHMDDGINEAIRSLIYAILFVDEVKELSQLKDLMAWKINVEFVNGVIADHIDVPEKIIKKCS
PSVPKEELVDLYLKEIAKTYDVPYSKLENSLSS
;
A,B,C,D
2 'polypeptide(L)' NVPEIKAKEVNVDDEKEDKLAQRLRALRG E,F,G,H
#
# COMPACT_ATOMS: atom_id res chain seq x y z
N PRO A 3 -2.47 -25.93 -3.07
CA PRO A 3 -2.95 -24.53 -3.22
C PRO A 3 -3.01 -24.03 -4.68
N SER A 4 -3.57 -24.87 -5.56
CA SER A 4 -3.73 -24.56 -7.01
C SER A 4 -5.22 -24.35 -7.42
N MET A 5 -6.06 -25.37 -7.18
CA MET A 5 -7.52 -25.33 -7.47
C MET A 5 -8.32 -25.17 -6.15
N ILE A 6 -8.11 -24.05 -5.47
CA ILE A 6 -8.81 -23.70 -4.20
C ILE A 6 -9.80 -22.59 -4.51
N PRO A 7 -11.01 -22.69 -3.89
CA PRO A 7 -12.17 -21.80 -4.00
C PRO A 7 -11.99 -20.30 -3.85
N PHE A 8 -12.28 -19.57 -4.93
CA PHE A 8 -12.19 -18.11 -4.96
C PHE A 8 -12.78 -17.49 -3.69
N THR A 9 -14.06 -17.75 -3.48
CA THR A 9 -14.79 -17.28 -2.31
C THR A 9 -13.93 -17.34 -1.05
N ILE A 10 -13.05 -18.32 -0.98
CA ILE A 10 -12.19 -18.49 0.20
C ILE A 10 -11.01 -17.54 0.14
N LYS A 11 -10.24 -17.60 -0.94
CA LYS A 11 -9.08 -16.73 -1.05
C LYS A 11 -9.50 -15.29 -0.78
N LEU A 12 -10.63 -14.88 -1.33
CA LEU A 12 -11.10 -13.51 -1.13
C LEU A 12 -11.49 -13.19 0.29
N LYS A 13 -12.15 -14.13 0.92
CA LYS A 13 -12.58 -13.94 2.30
C LYS A 13 -11.37 -13.79 3.21
N THR A 14 -10.36 -14.62 3.00
CA THR A 14 -9.19 -14.54 3.85
C THR A 14 -8.41 -13.28 3.55
N CYS A 15 -8.26 -12.95 2.27
CA CYS A 15 -7.52 -11.76 1.88
C CYS A 15 -8.11 -10.49 2.51
N LEU A 16 -9.41 -10.30 2.38
CA LEU A 16 -10.07 -9.13 2.97
C LEU A 16 -9.90 -9.15 4.48
N LYS A 17 -10.23 -10.27 5.11
CA LYS A 17 -10.11 -10.39 6.55
C LYS A 17 -8.79 -9.88 7.02
N MET A 18 -7.78 -10.06 6.17
CA MET A 18 -6.42 -9.60 6.48
C MET A 18 -6.35 -8.08 6.50
N CYS A 19 -6.70 -7.46 5.38
CA CYS A 19 -6.67 -6.02 5.30
C CYS A 19 -7.38 -5.40 6.47
N ILE A 20 -8.45 -6.02 6.91
CA ILE A 20 -9.17 -5.47 8.03
C ILE A 20 -8.28 -5.46 9.22
N GLN A 21 -7.83 -6.65 9.61
CA GLN A 21 -6.94 -6.78 10.74
C GLN A 21 -5.87 -5.70 10.73
N ARG A 22 -5.12 -5.58 9.63
CA ARG A 22 -4.06 -4.57 9.57
C ARG A 22 -4.57 -3.14 9.49
N LEU A 23 -5.66 -2.92 8.76
CA LEU A 23 -6.21 -1.58 8.65
C LEU A 23 -6.58 -1.04 10.01
N ARG A 24 -7.06 -1.91 10.88
CA ARG A 24 -7.45 -1.48 12.20
C ARG A 24 -6.21 -1.24 13.03
N TYR A 25 -5.19 -2.07 12.85
CA TYR A 25 -3.94 -1.93 13.59
C TYR A 25 -3.38 -0.55 13.34
N ALA A 26 -3.37 -0.16 12.07
CA ALA A 26 -2.87 1.17 11.69
C ALA A 26 -3.68 2.22 12.40
N GLN A 27 -4.99 1.99 12.47
CA GLN A 27 -5.84 2.93 13.15
C GLN A 27 -5.42 3.12 14.59
N GLU A 28 -5.55 2.07 15.37
CA GLU A 28 -5.19 2.14 16.78
C GLU A 28 -3.86 2.81 17.02
N LYS A 29 -2.86 2.41 16.23
CA LYS A 29 -1.52 2.96 16.36
C LYS A 29 -1.42 4.46 15.98
N GLN A 30 -1.98 4.84 14.84
CA GLN A 30 -1.92 6.24 14.43
C GLN A 30 -2.82 7.12 15.29
N GLN A 31 -3.91 6.57 15.82
CA GLN A 31 -4.83 7.36 16.65
C GLN A 31 -4.12 7.74 17.91
N ALA A 32 -3.45 6.77 18.51
CA ALA A 32 -2.71 7.01 19.73
C ALA A 32 -1.53 7.94 19.44
N ILE A 33 -0.90 7.74 18.28
CA ILE A 33 0.24 8.56 17.86
C ILE A 33 -0.20 10.00 17.66
N ALA A 34 -1.31 10.18 16.95
CA ALA A 34 -1.82 11.51 16.70
C ALA A 34 -2.21 12.20 17.99
N LYS A 35 -2.78 11.46 18.92
CA LYS A 35 -3.19 12.06 20.20
C LYS A 35 -2.00 12.60 20.97
N GLN A 36 -0.86 11.91 20.89
CA GLN A 36 0.33 12.37 21.58
C GLN A 36 0.91 13.60 20.90
N SER A 37 0.60 13.75 19.61
CA SER A 37 1.09 14.91 18.86
C SER A 37 0.30 16.10 19.35
N ARG A 38 -0.98 15.93 19.59
CA ARG A 38 -1.82 17.02 20.08
C ARG A 38 -1.20 17.55 21.35
N ARG A 39 -0.79 16.62 22.21
CA ARG A 39 -0.17 16.97 23.49
C ARG A 39 1.02 17.87 23.25
N GLN A 40 1.91 17.46 22.35
CA GLN A 40 3.08 18.26 22.04
C GLN A 40 2.72 19.62 21.44
N VAL A 41 1.60 19.70 20.73
CA VAL A 41 1.16 20.94 20.11
C VAL A 41 0.91 21.96 21.21
N ALA A 42 0.29 21.50 22.30
CA ALA A 42 0.02 22.37 23.42
C ALA A 42 1.34 22.76 24.07
N GLN A 43 2.28 21.83 24.09
CA GLN A 43 3.60 22.08 24.68
C GLN A 43 4.31 23.24 23.99
N LEU A 44 4.15 23.33 22.67
CA LEU A 44 4.79 24.39 21.91
C LEU A 44 4.15 25.76 22.16
N LEU A 45 2.91 25.76 22.62
CA LEU A 45 2.21 27.01 22.90
C LEU A 45 2.80 27.61 24.17
N LEU A 46 2.98 26.76 25.16
CA LEU A 46 3.51 27.18 26.44
C LEU A 46 4.99 27.57 26.31
N THR A 47 5.47 27.73 25.06
CA THR A 47 6.87 28.11 24.81
C THR A 47 6.96 29.24 23.79
N ASN A 48 5.89 30.02 23.66
CA ASN A 48 5.84 31.16 22.74
C ASN A 48 6.27 30.82 21.33
N LYS A 49 6.40 29.53 21.04
CA LYS A 49 6.79 29.10 19.71
C LYS A 49 5.55 29.03 18.81
N GLU A 50 4.96 30.21 18.60
CA GLU A 50 3.76 30.39 17.79
C GLU A 50 3.90 29.70 16.44
N GLN A 51 4.91 30.14 15.69
CA GLN A 51 5.14 29.58 14.36
C GLN A 51 5.31 28.07 14.36
N LYS A 52 6.23 27.56 15.19
CA LYS A 52 6.47 26.11 15.26
C LYS A 52 5.24 25.33 15.76
N ALA A 53 4.25 26.04 16.28
CA ALA A 53 3.03 25.40 16.78
C ALA A 53 1.98 25.44 15.70
N HIS A 54 2.11 26.38 14.79
CA HIS A 54 1.16 26.51 13.71
C HIS A 54 1.41 25.40 12.71
N TYR A 55 2.43 25.58 11.89
CA TYR A 55 2.76 24.59 10.89
C TYR A 55 2.63 23.18 11.41
N ARG A 56 2.97 22.97 12.69
CA ARG A 56 2.91 21.64 13.33
C ARG A 56 1.50 21.08 13.29
N VAL A 57 0.54 21.94 13.61
CA VAL A 57 -0.85 21.56 13.61
C VAL A 57 -1.29 21.16 12.21
N GLU A 58 -0.88 21.93 11.20
CA GLU A 58 -1.27 21.59 9.84
C GLU A 58 -1.04 20.11 9.65
N THR A 59 0.07 19.61 10.17
CA THR A 59 0.37 18.20 10.03
C THR A 59 -0.69 17.41 10.78
N LEU A 60 -1.03 17.87 11.97
CA LEU A 60 -2.05 17.16 12.76
C LEU A 60 -3.31 16.90 11.94
N ILE A 61 -3.64 17.82 11.06
CA ILE A 61 -4.83 17.69 10.23
C ILE A 61 -4.64 16.58 9.21
N HIS A 62 -3.57 16.66 8.44
CA HIS A 62 -3.35 15.62 7.44
C HIS A 62 -3.29 14.23 8.02
N ASP A 63 -2.73 14.11 9.23
CA ASP A 63 -2.64 12.82 9.87
C ASP A 63 -4.03 12.40 10.29
N ASP A 64 -4.81 13.36 10.79
CA ASP A 64 -6.18 13.06 11.20
C ASP A 64 -7.01 12.70 9.97
N ILE A 65 -6.75 13.37 8.85
CA ILE A 65 -7.49 13.06 7.63
C ILE A 65 -7.14 11.68 7.15
N HIS A 66 -5.89 11.32 7.31
CA HIS A 66 -5.46 10.00 6.88
C HIS A 66 -6.30 8.99 7.65
N ILE A 67 -6.32 9.14 8.97
CA ILE A 67 -7.09 8.22 9.80
C ILE A 67 -8.47 8.04 9.26
N GLU A 68 -9.15 9.13 8.99
CA GLU A 68 -10.49 9.04 8.45
C GLU A 68 -10.46 8.08 7.24
N LEU A 69 -9.58 8.34 6.28
CA LEU A 69 -9.51 7.49 5.11
C LEU A 69 -9.38 6.04 5.48
N LEU A 70 -8.77 5.74 6.63
CA LEU A 70 -8.67 4.34 7.02
C LEU A 70 -10.04 3.81 7.50
N GLU A 71 -10.67 4.48 8.45
CA GLU A 71 -11.96 4.02 8.93
C GLU A 71 -12.88 3.75 7.76
N ILE A 72 -12.76 4.58 6.71
CA ILE A 72 -13.57 4.43 5.52
C ILE A 72 -13.20 3.21 4.69
N LEU A 73 -11.91 2.96 4.54
CA LEU A 73 -11.47 1.77 3.81
C LEU A 73 -11.82 0.53 4.61
N GLU A 74 -11.75 0.63 5.93
CA GLU A 74 -12.07 -0.48 6.82
C GLU A 74 -13.45 -0.91 6.41
N LEU A 75 -14.37 0.01 6.62
CA LEU A 75 -15.76 -0.23 6.29
C LEU A 75 -15.84 -0.87 4.91
N TYR A 76 -15.47 -0.15 3.85
CA TYR A 76 -15.55 -0.73 2.50
C TYR A 76 -15.17 -2.22 2.42
N CYS A 77 -14.19 -2.65 3.20
CA CYS A 77 -13.81 -4.06 3.20
C CYS A 77 -14.91 -4.86 3.85
N GLU A 78 -15.15 -4.61 5.13
CA GLU A 78 -16.18 -5.31 5.84
C GLU A 78 -17.39 -5.47 4.94
N LEU A 79 -17.76 -4.40 4.25
CA LEU A 79 -18.92 -4.43 3.36
C LEU A 79 -18.75 -5.52 2.32
N LEU A 80 -17.57 -5.58 1.72
CA LEU A 80 -17.29 -6.59 0.71
C LEU A 80 -17.22 -7.97 1.34
N LEU A 81 -16.54 -8.08 2.48
CA LEU A 81 -16.43 -9.36 3.16
C LEU A 81 -17.79 -10.04 3.29
N ALA A 82 -18.80 -9.29 3.69
CA ALA A 82 -20.12 -9.86 3.86
C ALA A 82 -20.71 -10.25 2.54
N ARG A 83 -20.64 -9.33 1.59
CA ARG A 83 -21.19 -9.58 0.28
C ARG A 83 -20.33 -10.50 -0.59
N VAL A 84 -19.45 -11.24 0.05
CA VAL A 84 -18.58 -12.14 -0.68
C VAL A 84 -19.36 -13.00 -1.66
N GLN A 85 -20.44 -13.59 -1.17
CA GLN A 85 -21.25 -14.44 -2.02
C GLN A 85 -21.68 -13.74 -3.31
N VAL A 86 -21.95 -12.45 -3.20
CA VAL A 86 -22.39 -11.68 -4.36
C VAL A 86 -21.23 -11.30 -5.26
N ILE A 87 -20.04 -11.28 -4.68
CA ILE A 87 -18.84 -10.94 -5.43
C ILE A 87 -18.41 -12.08 -6.32
N ASN A 88 -18.72 -13.30 -5.91
CA ASN A 88 -18.34 -14.47 -6.67
C ASN A 88 -19.11 -14.59 -7.98
N ASP A 89 -20.27 -13.95 -8.06
CA ASP A 89 -21.11 -13.98 -9.25
C ASP A 89 -20.88 -12.78 -10.15
N ILE A 90 -19.61 -12.50 -10.45
CA ILE A 90 -19.28 -11.36 -11.30
C ILE A 90 -18.04 -11.68 -12.09
N SER A 91 -17.98 -11.20 -13.33
CA SER A 91 -16.83 -11.45 -14.17
C SER A 91 -16.54 -10.31 -15.18
N THR A 92 -17.46 -9.38 -15.32
CA THR A 92 -17.29 -8.25 -16.25
C THR A 92 -17.51 -6.91 -15.58
N GLU A 93 -16.96 -5.85 -16.16
CA GLU A 93 -17.13 -4.55 -15.54
C GLU A 93 -18.58 -4.16 -15.53
N GLU A 94 -19.21 -4.21 -16.70
CA GLU A 94 -20.61 -3.86 -16.83
C GLU A 94 -21.42 -4.37 -15.64
N GLN A 95 -21.12 -5.59 -15.22
CA GLN A 95 -21.82 -6.18 -14.09
C GLN A 95 -21.73 -5.29 -12.86
N LEU A 96 -20.54 -5.22 -12.29
CA LEU A 96 -20.32 -4.43 -11.10
C LEU A 96 -20.80 -2.99 -11.23
N VAL A 97 -20.48 -2.36 -12.36
CA VAL A 97 -20.87 -0.97 -12.58
C VAL A 97 -22.35 -0.66 -12.45
N LYS A 98 -23.15 -1.11 -13.40
CA LYS A 98 -24.57 -0.82 -13.36
C LYS A 98 -25.45 -1.93 -12.80
N GLU A 99 -25.04 -2.54 -11.69
CA GLU A 99 -25.84 -3.60 -11.06
C GLU A 99 -25.58 -3.72 -9.56
N HIS A 100 -24.37 -3.39 -9.14
CA HIS A 100 -24.02 -3.46 -7.73
C HIS A 100 -23.53 -2.09 -7.29
N MET A 101 -24.34 -1.08 -7.56
CA MET A 101 -23.98 0.28 -7.21
C MET A 101 -24.88 0.78 -6.10
N ASP A 102 -25.96 0.06 -5.84
CA ASP A 102 -26.88 0.44 -4.79
C ASP A 102 -26.44 -0.12 -3.46
N ASP A 103 -25.89 -1.33 -3.53
CA ASP A 103 -25.41 -2.01 -2.33
C ASP A 103 -24.03 -1.50 -1.92
N GLY A 104 -23.44 -0.66 -2.76
CA GLY A 104 -22.13 -0.11 -2.46
C GLY A 104 -20.98 -1.05 -2.77
N ILE A 105 -21.24 -2.15 -3.44
CA ILE A 105 -20.17 -3.07 -3.73
C ILE A 105 -19.13 -2.42 -4.60
N ASN A 106 -19.58 -1.67 -5.60
CA ASN A 106 -18.67 -0.97 -6.50
C ASN A 106 -17.93 0.15 -5.81
N GLU A 107 -18.68 1.07 -5.24
CA GLU A 107 -18.08 2.20 -4.56
C GLU A 107 -17.05 1.76 -3.52
N ALA A 108 -17.00 0.47 -3.20
CA ALA A 108 -16.05 0.00 -2.20
C ALA A 108 -14.80 -0.63 -2.80
N ILE A 109 -14.99 -1.60 -3.68
CA ILE A 109 -13.86 -2.25 -4.30
C ILE A 109 -13.07 -1.28 -5.15
N ARG A 110 -13.75 -0.50 -5.97
CA ARG A 110 -13.01 0.42 -6.82
C ARG A 110 -12.10 1.33 -6.02
N SER A 111 -12.61 1.94 -4.96
CA SER A 111 -11.76 2.83 -4.18
C SER A 111 -10.58 2.08 -3.52
N LEU A 112 -10.86 1.01 -2.80
CA LEU A 112 -9.79 0.26 -2.17
C LEU A 112 -8.58 0.07 -3.08
N ILE A 113 -8.81 -0.34 -4.32
CA ILE A 113 -7.71 -0.54 -5.24
C ILE A 113 -6.90 0.71 -5.47
N TYR A 114 -7.59 1.85 -5.51
CA TYR A 114 -6.97 3.15 -5.72
C TYR A 114 -6.04 3.49 -4.55
N ALA A 115 -6.57 3.30 -3.35
CA ALA A 115 -5.86 3.57 -2.11
C ALA A 115 -4.55 2.80 -1.98
N ILE A 116 -4.40 1.70 -2.71
CA ILE A 116 -3.19 0.90 -2.60
C ILE A 116 -1.92 1.73 -2.52
N LEU A 117 -1.62 2.46 -3.60
CA LEU A 117 -0.43 3.30 -3.63
C LEU A 117 -0.34 4.22 -2.40
N PHE A 118 -1.39 4.98 -2.12
CA PHE A 118 -1.44 5.94 -1.01
C PHE A 118 -1.31 5.46 0.41
N VAL A 119 -1.73 4.22 0.67
CA VAL A 119 -1.65 3.62 2.00
C VAL A 119 -0.71 2.44 1.98
N ASP A 120 0.52 2.63 2.46
CA ASP A 120 1.50 1.55 2.44
C ASP A 120 1.62 0.84 3.78
N GLU A 121 0.73 1.11 4.73
CA GLU A 121 0.79 0.44 6.03
C GLU A 121 -0.10 -0.79 6.03
N VAL A 122 -0.68 -1.06 4.87
CA VAL A 122 -1.56 -2.20 4.67
C VAL A 122 -1.15 -2.89 3.37
N LYS A 123 0.12 -3.23 3.25
CA LYS A 123 0.62 -3.87 2.04
C LYS A 123 -0.32 -4.93 1.46
N GLU A 124 -1.00 -5.67 2.32
CA GLU A 124 -1.91 -6.71 1.85
C GLU A 124 -3.00 -6.22 0.88
N LEU A 125 -3.26 -4.92 0.86
CA LEU A 125 -4.25 -4.37 -0.04
C LEU A 125 -3.97 -4.75 -1.47
N SER A 126 -2.71 -4.62 -1.88
CA SER A 126 -2.31 -4.96 -3.25
C SER A 126 -2.82 -6.33 -3.68
N GLN A 127 -2.94 -7.24 -2.72
CA GLN A 127 -3.42 -8.57 -3.05
C GLN A 127 -4.77 -8.52 -3.73
N LEU A 128 -5.61 -7.58 -3.32
CA LEU A 128 -6.93 -7.45 -3.90
C LEU A 128 -6.84 -7.14 -5.40
N LYS A 129 -5.96 -6.21 -5.77
CA LYS A 129 -5.82 -5.85 -7.18
C LYS A 129 -5.55 -7.14 -7.96
N ASP A 130 -4.59 -7.92 -7.48
CA ASP A 130 -4.24 -9.19 -8.13
C ASP A 130 -5.48 -10.10 -8.17
N LEU A 131 -6.17 -10.26 -7.03
CA LEU A 131 -7.35 -11.12 -7.00
C LEU A 131 -8.51 -10.55 -7.80
N MET A 132 -8.25 -9.51 -8.59
CA MET A 132 -9.30 -8.93 -9.41
C MET A 132 -9.19 -9.50 -10.81
N ALA A 133 -7.95 -9.73 -11.22
CA ALA A 133 -7.71 -10.30 -12.53
C ALA A 133 -8.18 -11.76 -12.45
N TRP A 134 -8.10 -12.31 -11.26
CA TRP A 134 -8.49 -13.68 -10.97
C TRP A 134 -10.01 -13.82 -11.18
N LYS A 135 -10.74 -12.71 -11.02
CA LYS A 135 -12.19 -12.70 -11.16
C LYS A 135 -12.64 -11.94 -12.39
N ILE A 136 -11.85 -10.94 -12.79
CA ILE A 136 -12.18 -10.15 -13.97
C ILE A 136 -11.02 -10.15 -14.95
N ASN A 137 -10.20 -9.09 -14.91
CA ASN A 137 -9.05 -8.98 -15.81
C ASN A 137 -7.98 -8.04 -15.27
N VAL A 138 -6.86 -7.94 -15.98
CA VAL A 138 -5.77 -7.07 -15.56
C VAL A 138 -6.03 -5.66 -16.09
N GLU A 139 -7.06 -5.51 -16.90
CA GLU A 139 -7.39 -4.20 -17.48
C GLU A 139 -8.22 -3.37 -16.51
N PHE A 140 -9.10 -4.05 -15.77
CA PHE A 140 -9.97 -3.37 -14.80
C PHE A 140 -9.15 -2.55 -13.82
N VAL A 141 -8.19 -3.22 -13.17
CA VAL A 141 -7.33 -2.58 -12.17
C VAL A 141 -6.64 -1.34 -12.73
N ASN A 142 -6.08 -1.47 -13.92
CA ASN A 142 -5.39 -0.33 -14.51
C ASN A 142 -6.40 0.80 -14.82
N GLY A 143 -7.67 0.45 -14.97
CA GLY A 143 -8.70 1.45 -15.26
C GLY A 143 -9.06 2.25 -14.04
N VAL A 144 -8.60 1.77 -12.88
CA VAL A 144 -8.87 2.43 -11.62
C VAL A 144 -7.65 3.22 -11.18
N ILE A 145 -6.51 2.54 -11.02
CA ILE A 145 -5.29 3.22 -10.57
C ILE A 145 -4.92 4.39 -11.46
N ALA A 146 -5.45 4.39 -12.69
CA ALA A 146 -5.15 5.45 -13.64
C ALA A 146 -6.26 6.48 -13.77
N ASP A 147 -7.46 6.04 -14.16
CA ASP A 147 -8.57 6.97 -14.34
C ASP A 147 -9.62 6.95 -13.24
N HIS A 148 -9.23 6.48 -12.06
CA HIS A 148 -10.14 6.38 -10.92
C HIS A 148 -11.62 6.46 -11.32
N ILE A 149 -12.00 5.57 -12.23
CA ILE A 149 -13.36 5.49 -12.71
C ILE A 149 -14.32 5.16 -11.60
N ASP A 150 -15.20 6.11 -11.28
CA ASP A 150 -16.20 5.94 -10.23
C ASP A 150 -15.62 5.88 -8.82
N VAL A 151 -14.50 6.55 -8.58
CA VAL A 151 -13.92 6.57 -7.25
C VAL A 151 -14.51 7.72 -6.45
N PRO A 152 -15.08 7.43 -5.28
CA PRO A 152 -15.69 8.45 -4.44
C PRO A 152 -14.87 9.71 -4.38
N GLU A 153 -15.55 10.83 -4.22
CA GLU A 153 -14.89 12.12 -4.15
C GLU A 153 -14.09 12.18 -2.87
N LYS A 154 -14.76 11.99 -1.74
CA LYS A 154 -14.10 12.02 -0.45
C LYS A 154 -12.87 11.12 -0.42
N ILE A 155 -12.83 10.06 -1.23
CA ILE A 155 -11.66 9.18 -1.23
C ILE A 155 -10.49 9.92 -1.86
N ILE A 156 -10.46 10.02 -3.18
CA ILE A 156 -9.37 10.71 -3.87
C ILE A 156 -8.92 11.96 -3.15
N LYS A 157 -9.84 12.62 -2.46
CA LYS A 157 -9.51 13.85 -1.73
C LYS A 157 -8.83 13.58 -0.36
N LYS A 158 -9.19 12.51 0.33
CA LYS A 158 -8.51 12.26 1.61
C LYS A 158 -7.21 11.52 1.37
N CYS A 159 -6.88 11.27 0.11
CA CYS A 159 -5.63 10.58 -0.19
C CYS A 159 -4.56 11.60 -0.42
N SER A 160 -4.93 12.68 -1.07
CA SER A 160 -4.00 13.74 -1.33
C SER A 160 -4.66 15.04 -0.87
N PRO A 161 -4.93 15.17 0.44
CA PRO A 161 -5.58 16.34 1.02
C PRO A 161 -4.90 17.64 0.70
N SER A 162 -5.70 18.60 0.25
CA SER A 162 -5.20 19.90 -0.09
C SER A 162 -4.71 20.60 1.17
N VAL A 163 -3.82 21.58 0.97
CA VAL A 163 -3.26 22.33 2.08
C VAL A 163 -4.34 22.81 3.03
N PRO A 164 -4.13 22.64 4.34
CA PRO A 164 -5.09 23.06 5.36
C PRO A 164 -5.44 24.55 5.32
N LYS A 165 -6.72 24.87 5.45
CA LYS A 165 -7.20 26.26 5.43
C LYS A 165 -6.78 26.99 6.68
N GLU A 166 -6.22 28.19 6.52
CA GLU A 166 -5.78 28.97 7.67
C GLU A 166 -6.81 28.95 8.79
N GLU A 167 -8.08 29.13 8.45
CA GLU A 167 -9.16 29.14 9.43
C GLU A 167 -9.22 27.90 10.32
N LEU A 168 -9.27 26.74 9.67
CA LEU A 168 -9.35 25.46 10.36
C LEU A 168 -8.19 25.28 11.32
N VAL A 169 -7.03 25.82 10.96
CA VAL A 169 -5.83 25.72 11.78
C VAL A 169 -6.02 26.48 13.07
N ASP A 170 -6.35 27.76 12.92
CA ASP A 170 -6.57 28.61 14.07
C ASP A 170 -7.64 27.98 14.95
N LEU A 171 -8.74 27.55 14.33
CA LEU A 171 -9.83 26.92 15.06
C LEU A 171 -9.36 25.69 15.83
N TYR A 172 -8.38 24.99 15.25
CA TYR A 172 -7.83 23.78 15.87
C TYR A 172 -7.06 24.20 17.11
N LEU A 173 -6.09 25.08 16.91
CA LEU A 173 -5.28 25.58 18.01
C LEU A 173 -6.15 25.96 19.19
N LYS A 174 -7.13 26.83 18.93
CA LYS A 174 -8.02 27.30 19.98
C LYS A 174 -8.63 26.10 20.74
N GLU A 175 -8.98 25.04 20.02
CA GLU A 175 -9.58 23.87 20.67
C GLU A 175 -8.59 23.07 21.51
N ILE A 176 -7.37 22.94 21.02
CA ILE A 176 -6.32 22.21 21.73
C ILE A 176 -6.00 22.92 23.04
N ALA A 177 -6.17 24.23 23.04
CA ALA A 177 -5.90 25.05 24.21
C ALA A 177 -7.01 24.90 25.26
N LYS A 178 -8.26 24.88 24.79
CA LYS A 178 -9.41 24.74 25.67
C LYS A 178 -9.47 23.35 26.29
N THR A 179 -8.48 22.50 25.99
CA THR A 179 -8.47 21.14 26.53
C THR A 179 -7.23 20.88 27.39
N TYR A 180 -6.16 21.61 27.10
CA TYR A 180 -4.91 21.44 27.82
C TYR A 180 -4.49 22.61 28.72
N ASP A 181 -4.92 23.83 28.39
CA ASP A 181 -4.57 25.05 29.16
C ASP A 181 -4.18 26.22 28.25
N VAL A 182 -2.94 26.68 28.43
CA VAL A 182 -2.39 27.80 27.67
C VAL A 182 -3.22 29.06 27.90
N PRO A 183 -2.61 30.24 27.74
CA PRO A 183 -3.41 31.45 27.97
C PRO A 183 -3.78 32.30 26.73
N TYR A 184 -2.79 32.62 25.91
CA TYR A 184 -3.02 33.45 24.72
C TYR A 184 -2.82 32.79 23.35
N SER A 185 -3.92 32.47 22.69
CA SER A 185 -3.89 31.90 21.35
C SER A 185 -4.07 33.09 20.43
N LYS A 186 -2.96 33.68 20.01
CA LYS A 186 -2.97 34.87 19.14
C LYS A 186 -3.28 34.54 17.67
N LEU A 187 -3.48 35.59 16.88
CA LEU A 187 -3.79 35.57 15.44
C LEU A 187 -5.16 34.96 15.01
N GLU A 188 -6.11 34.93 15.97
CA GLU A 188 -7.48 34.41 15.76
C GLU A 188 -8.40 35.53 15.28
N MET B 5 4.86 3.33 -11.54
CA MET B 5 4.00 2.79 -10.45
C MET B 5 4.63 3.00 -9.07
N ILE B 6 4.93 4.26 -8.75
CA ILE B 6 5.52 4.67 -7.46
C ILE B 6 5.43 6.20 -7.28
N PRO B 7 4.28 6.81 -7.57
CA PRO B 7 4.00 8.26 -7.48
C PRO B 7 4.92 9.15 -6.67
N PHE B 8 5.05 10.38 -7.16
CA PHE B 8 5.89 11.40 -6.54
C PHE B 8 5.29 11.89 -5.22
N THR B 9 4.07 12.39 -5.28
CA THR B 9 3.37 12.87 -4.09
C THR B 9 3.61 11.94 -2.91
N ILE B 10 3.69 10.65 -3.18
CA ILE B 10 3.89 9.68 -2.13
C ILE B 10 5.34 9.64 -1.70
N LYS B 11 6.25 9.39 -2.63
CA LYS B 11 7.65 9.34 -2.25
C LYS B 11 8.02 10.58 -1.43
N LEU B 12 7.64 11.77 -1.88
CA LEU B 12 7.98 12.97 -1.13
C LEU B 12 7.34 13.03 0.24
N LYS B 13 6.11 12.59 0.36
CA LYS B 13 5.42 12.62 1.65
C LYS B 13 6.11 11.71 2.66
N THR B 14 6.53 10.53 2.21
CA THR B 14 7.18 9.60 3.11
C THR B 14 8.55 10.08 3.47
N CYS B 15 9.26 10.60 2.48
CA CYS B 15 10.59 11.11 2.69
C CYS B 15 10.60 12.22 3.74
N LEU B 16 9.75 13.23 3.58
CA LEU B 16 9.70 14.32 4.55
C LEU B 16 9.31 13.80 5.94
N LYS B 17 8.25 13.02 5.99
CA LYS B 17 7.81 12.48 7.27
C LYS B 17 8.97 11.86 8.00
N MET B 18 9.88 11.28 7.25
CA MET B 18 11.05 10.65 7.84
C MET B 18 11.91 11.73 8.48
N CYS B 19 12.33 12.72 7.69
CA CYS B 19 13.16 13.78 8.22
C CYS B 19 12.59 14.35 9.51
N ILE B 20 11.28 14.48 9.56
CA ILE B 20 10.67 15.00 10.76
C ILE B 20 11.01 14.08 11.91
N GLN B 21 10.59 12.82 11.80
CA GLN B 21 10.85 11.84 12.84
C GLN B 21 12.27 11.96 13.37
N ARG B 22 13.24 11.82 12.48
CA ARG B 22 14.63 11.90 12.90
C ARG B 22 15.05 13.27 13.40
N LEU B 23 14.53 14.32 12.80
CA LEU B 23 14.88 15.67 13.23
C LEU B 23 14.42 15.94 14.65
N ARG B 24 13.33 15.32 15.04
CA ARG B 24 12.84 15.52 16.37
C ARG B 24 13.67 14.67 17.32
N TYR B 25 13.99 13.44 16.91
CA TYR B 25 14.80 12.55 17.74
C TYR B 25 16.09 13.27 18.13
N ALA B 26 16.75 13.87 17.15
CA ALA B 26 17.98 14.60 17.43
C ALA B 26 17.69 15.73 18.40
N GLN B 27 16.53 16.36 18.29
CA GLN B 27 16.22 17.43 19.20
C GLN B 27 16.15 16.89 20.62
N GLU B 28 15.23 15.98 20.86
CA GLU B 28 15.07 15.40 22.20
C GLU B 28 16.37 14.90 22.82
N LYS B 29 17.22 14.28 22.01
CA LYS B 29 18.47 13.75 22.50
C LYS B 29 19.46 14.86 22.81
N GLN B 30 19.60 15.82 21.90
CA GLN B 30 20.53 16.93 22.09
C GLN B 30 20.08 17.90 23.19
N GLN B 31 18.78 18.06 23.34
CA GLN B 31 18.24 18.95 24.37
C GLN B 31 18.61 18.38 25.73
N ALA B 32 18.35 17.09 25.91
CA ALA B 32 18.67 16.45 27.17
C ALA B 32 20.18 16.48 27.39
N ILE B 33 20.94 16.20 26.32
CA ILE B 33 22.40 16.21 26.39
C ILE B 33 22.95 17.58 26.77
N ALA B 34 22.42 18.62 26.14
CA ALA B 34 22.84 19.98 26.42
C ALA B 34 22.46 20.39 27.83
N LYS B 35 21.35 19.87 28.36
CA LYS B 35 20.92 20.22 29.71
C LYS B 35 21.84 19.60 30.75
N GLN B 36 22.42 18.45 30.41
CA GLN B 36 23.34 17.81 31.32
C GLN B 36 24.68 18.50 31.27
N SER B 37 24.94 19.18 30.15
CA SER B 37 26.20 19.92 30.02
C SER B 37 26.10 21.12 30.97
N ARG B 38 24.96 21.80 30.97
CA ARG B 38 24.76 22.96 31.83
C ARG B 38 25.15 22.58 33.26
N ARG B 39 24.61 21.47 33.72
CA ARG B 39 24.87 20.97 35.06
C ARG B 39 26.39 20.87 35.31
N GLN B 40 27.11 20.30 34.35
CA GLN B 40 28.55 20.18 34.51
C GLN B 40 29.22 21.56 34.53
N VAL B 41 28.63 22.54 33.84
CA VAL B 41 29.19 23.89 33.79
C VAL B 41 29.21 24.48 35.20
N ALA B 42 28.15 24.22 35.96
CA ALA B 42 28.04 24.69 37.34
C ALA B 42 29.05 23.94 38.20
N GLN B 43 29.26 22.66 37.87
CA GLN B 43 30.19 21.83 38.59
C GLN B 43 31.59 22.42 38.50
N LEU B 44 31.93 22.97 37.34
CA LEU B 44 33.25 23.55 37.14
C LEU B 44 33.46 24.87 37.88
N LEU B 45 32.36 25.52 38.25
CA LEU B 45 32.42 26.78 38.97
C LEU B 45 32.75 26.50 40.44
N LEU B 46 32.12 25.46 40.97
CA LEU B 46 32.32 25.06 42.35
C LEU B 46 33.70 24.38 42.51
N THR B 47 34.59 24.59 41.53
CA THR B 47 35.94 24.01 41.55
C THR B 47 36.98 25.05 41.11
N ASN B 48 36.64 26.32 41.28
CA ASN B 48 37.52 27.44 40.91
C ASN B 48 38.11 27.36 39.51
N LYS B 49 37.65 26.38 38.73
CA LYS B 49 38.14 26.22 37.37
C LYS B 49 37.44 27.21 36.46
N GLU B 50 37.74 28.48 36.69
CA GLU B 50 37.21 29.61 35.95
C GLU B 50 37.37 29.39 34.46
N GLN B 51 38.62 29.29 34.02
CA GLN B 51 38.93 29.10 32.62
C GLN B 51 38.22 27.91 31.98
N LYS B 52 38.36 26.73 32.57
CA LYS B 52 37.74 25.53 32.02
C LYS B 52 36.21 25.62 32.04
N ALA B 53 35.67 26.55 32.82
CA ALA B 53 34.22 26.71 32.88
C ALA B 53 33.78 27.72 31.82
N HIS B 54 34.69 28.60 31.40
CA HIS B 54 34.38 29.62 30.40
C HIS B 54 34.33 28.98 29.02
N TYR B 55 35.48 28.68 28.45
CA TYR B 55 35.52 28.06 27.13
C TYR B 55 34.46 26.98 27.02
N ARG B 56 34.20 26.27 28.12
CA ARG B 56 33.22 25.18 28.11
C ARG B 56 31.84 25.67 27.74
N VAL B 57 31.49 26.83 28.28
CA VAL B 57 30.20 27.39 28.00
C VAL B 57 30.10 27.79 26.54
N GLU B 58 31.14 28.41 25.99
CA GLU B 58 31.10 28.79 24.59
C GLU B 58 30.51 27.66 23.79
N THR B 59 30.95 26.43 24.07
CA THR B 59 30.45 25.25 23.37
C THR B 59 28.97 25.12 23.62
N LEU B 60 28.54 25.31 24.86
CA LEU B 60 27.11 25.22 25.19
C LEU B 60 26.26 26.10 24.31
N ILE B 61 26.83 27.21 23.85
CA ILE B 61 26.13 28.16 22.97
C ILE B 61 26.01 27.59 21.56
N HIS B 62 27.10 27.08 21.01
CA HIS B 62 27.01 26.52 19.69
C HIS B 62 26.11 25.31 19.67
N ASP B 63 26.08 24.57 20.77
CA ASP B 63 25.22 23.40 20.85
C ASP B 63 23.76 23.85 20.94
N ASP B 64 23.51 24.92 21.69
CA ASP B 64 22.16 25.45 21.79
C ASP B 64 21.71 26.06 20.46
N ILE B 65 22.62 26.72 19.76
CA ILE B 65 22.32 27.32 18.47
C ILE B 65 21.98 26.24 17.45
N HIS B 66 22.70 25.12 17.48
CA HIS B 66 22.46 24.01 16.55
C HIS B 66 21.04 23.52 16.79
N ILE B 67 20.64 23.39 18.05
CA ILE B 67 19.29 22.95 18.36
C ILE B 67 18.28 23.83 17.68
N GLU B 68 18.47 25.13 17.80
CA GLU B 68 17.56 26.08 17.16
C GLU B 68 17.43 25.70 15.68
N LEU B 69 18.55 25.65 14.98
CA LEU B 69 18.54 25.28 13.58
C LEU B 69 17.72 24.03 13.34
N LEU B 70 17.69 23.12 14.30
CA LEU B 70 16.88 21.93 14.10
C LEU B 70 15.41 22.31 14.15
N GLU B 71 14.97 22.92 15.25
CA GLU B 71 13.56 23.30 15.37
C GLU B 71 13.09 24.04 14.14
N ILE B 72 13.98 24.84 13.54
CA ILE B 72 13.66 25.61 12.35
C ILE B 72 13.52 24.70 11.15
N LEU B 73 14.48 23.79 10.98
CA LEU B 73 14.39 22.85 9.87
C LEU B 73 13.15 21.95 10.02
N GLU B 74 12.81 21.56 11.25
CA GLU B 74 11.64 20.71 11.52
C GLU B 74 10.49 21.42 10.85
N LEU B 75 10.22 22.62 11.34
CA LEU B 75 9.15 23.44 10.81
C LEU B 75 9.17 23.45 9.29
N TYR B 76 10.24 23.96 8.70
CA TYR B 76 10.33 23.97 7.22
C TYR B 76 9.81 22.67 6.57
N CYS B 77 10.12 21.54 7.17
CA CYS B 77 9.66 20.29 6.61
C CYS B 77 8.16 20.26 6.74
N GLU B 78 7.69 20.28 7.98
CA GLU B 78 6.26 20.24 8.25
C GLU B 78 5.51 21.12 7.27
N LEU B 79 6.03 22.33 7.08
CA LEU B 79 5.43 23.29 6.17
C LEU B 79 5.31 22.68 4.76
N LEU B 80 6.37 22.04 4.29
CA LEU B 80 6.33 21.42 2.97
C LEU B 80 5.41 20.21 2.96
N LEU B 81 5.47 19.40 4.01
CA LEU B 81 4.64 18.19 4.12
C LEU B 81 3.18 18.47 3.82
N ALA B 82 2.66 19.53 4.43
CA ALA B 82 1.27 19.91 4.22
C ALA B 82 1.08 20.38 2.78
N ARG B 83 1.93 21.31 2.36
CA ARG B 83 1.83 21.82 1.02
C ARG B 83 2.32 20.86 -0.03
N VAL B 84 2.36 19.58 0.27
CA VAL B 84 2.82 18.64 -0.73
C VAL B 84 2.09 18.75 -2.03
N GLN B 85 0.79 18.94 -1.95
CA GLN B 85 -0.02 19.05 -3.16
C GLN B 85 0.42 20.21 -4.06
N VAL B 86 0.91 21.28 -3.47
CA VAL B 86 1.35 22.41 -4.25
C VAL B 86 2.75 22.20 -4.80
N ILE B 87 3.50 21.31 -4.16
CA ILE B 87 4.86 21.02 -4.56
C ILE B 87 4.86 20.15 -5.80
N ASN B 88 3.81 19.38 -5.98
CA ASN B 88 3.72 18.49 -7.12
C ASN B 88 3.51 19.24 -8.41
N ASP B 89 2.99 20.45 -8.30
CA ASP B 89 2.70 21.30 -9.47
C ASP B 89 3.84 22.27 -9.77
N ILE B 90 5.07 21.75 -9.78
CA ILE B 90 6.22 22.59 -10.03
C ILE B 90 7.27 21.80 -10.80
N SER B 91 8.00 22.47 -11.70
CA SER B 91 9.02 21.80 -12.49
C SER B 91 10.20 22.69 -12.89
N THR B 92 10.09 24.00 -12.65
CA THR B 92 11.16 24.92 -13.00
C THR B 92 11.48 25.84 -11.85
N GLU B 93 12.67 26.40 -11.84
CA GLU B 93 13.03 27.28 -10.75
C GLU B 93 12.13 28.48 -10.70
N GLU B 94 11.98 29.15 -11.83
CA GLU B 94 11.15 30.35 -11.92
C GLU B 94 9.85 30.18 -11.13
N GLN B 95 9.28 28.99 -11.23
CA GLN B 95 8.03 28.71 -10.52
C GLN B 95 8.17 28.93 -9.03
N LEU B 96 8.94 28.06 -8.39
CA LEU B 96 9.14 28.15 -6.95
C LEU B 96 9.61 29.54 -6.53
N VAL B 97 10.56 30.09 -7.28
CA VAL B 97 11.14 31.39 -6.93
C VAL B 97 10.14 32.54 -6.79
N LYS B 98 9.59 33.00 -7.91
CA LYS B 98 8.66 34.11 -7.88
C LYS B 98 7.19 33.71 -7.92
N GLU B 99 6.81 32.73 -7.11
CA GLU B 99 5.42 32.28 -7.05
C GLU B 99 5.05 31.61 -5.74
N HIS B 100 6.01 30.95 -5.12
CA HIS B 100 5.77 30.29 -3.85
C HIS B 100 6.76 30.83 -2.83
N MET B 101 6.79 32.14 -2.71
CA MET B 101 7.71 32.79 -1.78
C MET B 101 6.92 33.43 -0.65
N ASP B 102 5.60 33.49 -0.82
CA ASP B 102 4.73 34.06 0.20
C ASP B 102 4.30 33.01 1.19
N ASP B 103 4.07 31.79 0.69
CA ASP B 103 3.66 30.67 1.51
C ASP B 103 4.86 30.01 2.23
N GLY B 104 6.06 30.48 1.91
CA GLY B 104 7.26 29.95 2.54
C GLY B 104 7.74 28.64 1.95
N ILE B 105 7.19 28.23 0.83
CA ILE B 105 7.61 26.97 0.22
C ILE B 105 9.07 26.99 -0.19
N ASN B 106 9.49 28.10 -0.78
CA ASN B 106 10.88 28.23 -1.24
C ASN B 106 11.85 28.38 -0.07
N GLU B 107 11.57 29.35 0.78
CA GLU B 107 12.39 29.60 1.95
C GLU B 107 12.60 28.32 2.77
N ALA B 108 11.82 27.28 2.50
CA ALA B 108 11.97 26.05 3.25
C ALA B 108 12.75 24.98 2.53
N ILE B 109 12.30 24.61 1.35
CA ILE B 109 13.01 23.59 0.63
C ILE B 109 14.44 24.03 0.37
N ARG B 110 14.65 25.23 -0.15
CA ARG B 110 16.03 25.67 -0.44
C ARG B 110 16.99 25.57 0.77
N SER B 111 16.54 26.01 1.96
CA SER B 111 17.42 25.95 3.13
C SER B 111 17.71 24.50 3.51
N LEU B 112 16.66 23.69 3.62
CA LEU B 112 16.83 22.29 3.98
C LEU B 112 17.94 21.68 3.18
N ILE B 113 17.93 21.87 1.86
CA ILE B 113 18.98 21.31 1.03
C ILE B 113 20.35 21.78 1.47
N TYR B 114 20.47 23.06 1.81
CA TYR B 114 21.74 23.59 2.26
C TYR B 114 22.22 22.87 3.49
N ALA B 115 21.37 22.82 4.50
CA ALA B 115 21.67 22.17 5.76
C ALA B 115 22.20 20.75 5.64
N ILE B 116 21.94 20.07 4.53
CA ILE B 116 22.41 18.70 4.38
C ILE B 116 23.81 18.48 4.94
N LEU B 117 24.82 19.01 4.26
CA LEU B 117 26.20 18.86 4.72
C LEU B 117 26.33 19.11 6.22
N PHE B 118 25.86 20.27 6.68
CA PHE B 118 25.96 20.67 8.09
C PHE B 118 25.28 19.83 9.17
N VAL B 119 24.18 19.17 8.84
CA VAL B 119 23.52 18.35 9.83
C VAL B 119 23.60 16.91 9.41
N ASP B 120 24.44 16.12 10.07
CA ASP B 120 24.62 14.72 9.68
C ASP B 120 23.87 13.72 10.53
N GLU B 121 23.05 14.21 11.45
CA GLU B 121 22.25 13.35 12.34
C GLU B 121 20.87 13.01 11.74
N VAL B 122 20.65 13.48 10.52
CA VAL B 122 19.42 13.27 9.78
C VAL B 122 19.80 12.89 8.35
N LYS B 123 20.68 11.91 8.20
CA LYS B 123 21.14 11.48 6.88
C LYS B 123 20.04 11.51 5.82
N GLU B 124 18.82 11.16 6.22
CA GLU B 124 17.69 11.11 5.30
C GLU B 124 17.46 12.42 4.54
N LEU B 125 17.98 13.53 5.06
CA LEU B 125 17.81 14.81 4.37
C LEU B 125 18.29 14.75 2.93
N SER B 126 19.49 14.26 2.72
CA SER B 126 20.04 14.15 1.37
C SER B 126 19.05 13.55 0.37
N GLN B 127 18.12 12.73 0.85
CA GLN B 127 17.15 12.14 -0.05
C GLN B 127 16.36 13.22 -0.74
N LEU B 128 16.09 14.30 -0.03
CA LEU B 128 15.35 15.41 -0.62
C LEU B 128 16.08 15.96 -1.84
N LYS B 129 17.37 16.23 -1.69
CA LYS B 129 18.16 16.77 -2.80
C LYS B 129 17.91 15.88 -4.02
N ASP B 130 18.09 14.56 -3.86
CA ASP B 130 17.87 13.62 -4.97
C ASP B 130 16.45 13.81 -5.51
N LEU B 131 15.46 13.79 -4.61
CA LEU B 131 14.07 13.94 -5.04
C LEU B 131 13.73 15.33 -5.59
N MET B 132 14.76 16.12 -5.87
CA MET B 132 14.53 17.43 -6.44
C MET B 132 14.79 17.34 -7.93
N ALA B 133 15.78 16.52 -8.30
CA ALA B 133 16.08 16.31 -9.71
C ALA B 133 14.89 15.53 -10.30
N TRP B 134 14.26 14.74 -9.46
CA TRP B 134 13.10 13.94 -9.82
C TRP B 134 11.97 14.88 -10.19
N LYS B 135 11.94 16.07 -9.57
CA LYS B 135 10.89 17.04 -9.83
C LYS B 135 11.40 18.21 -10.64
N ILE B 136 12.68 18.53 -10.49
CA ILE B 136 13.24 19.64 -11.25
C ILE B 136 14.45 19.17 -12.04
N ASN B 137 15.65 19.40 -11.51
CA ASN B 137 16.88 18.98 -12.18
C ASN B 137 18.03 18.82 -11.21
N VAL B 138 19.18 18.38 -11.71
CA VAL B 138 20.36 18.19 -10.87
C VAL B 138 21.10 19.52 -10.77
N GLU B 139 20.65 20.50 -11.53
CA GLU B 139 21.31 21.80 -11.51
C GLU B 139 20.79 22.64 -10.35
N PHE B 140 19.52 22.51 -10.03
CA PHE B 140 18.93 23.28 -8.94
C PHE B 140 19.64 23.09 -7.62
N VAL B 141 19.81 21.83 -7.25
CA VAL B 141 20.47 21.49 -6.01
C VAL B 141 21.87 22.10 -5.94
N ASN B 142 22.66 21.94 -6.99
CA ASN B 142 24.00 22.50 -6.99
C ASN B 142 23.96 24.02 -6.90
N GLY B 143 22.82 24.62 -7.27
CA GLY B 143 22.72 26.07 -7.19
C GLY B 143 22.48 26.53 -5.77
N VAL B 144 22.11 25.59 -4.92
CA VAL B 144 21.87 25.88 -3.53
C VAL B 144 23.09 25.56 -2.71
N ILE B 145 23.53 24.31 -2.74
CA ILE B 145 24.70 23.90 -1.97
C ILE B 145 25.94 24.74 -2.25
N ALA B 146 25.94 25.46 -3.37
CA ALA B 146 27.08 26.28 -3.74
C ALA B 146 26.86 27.75 -3.52
N ASP B 147 25.82 28.30 -4.13
CA ASP B 147 25.56 29.72 -4.00
C ASP B 147 24.39 30.07 -3.11
N HIS B 148 24.01 29.14 -2.23
CA HIS B 148 22.89 29.34 -1.32
C HIS B 148 21.93 30.44 -1.76
N ILE B 149 21.41 30.29 -2.98
CA ILE B 149 20.50 31.25 -3.55
C ILE B 149 19.20 31.35 -2.78
N ASP B 150 18.99 32.50 -2.14
CA ASP B 150 17.78 32.73 -1.37
C ASP B 150 17.70 31.94 -0.09
N VAL B 151 18.84 31.58 0.49
CA VAL B 151 18.82 30.83 1.74
C VAL B 151 18.77 31.83 2.86
N PRO B 152 17.80 31.70 3.75
CA PRO B 152 17.60 32.58 4.89
C PRO B 152 18.89 32.94 5.58
N GLU B 153 18.94 34.14 6.13
CA GLU B 153 20.13 34.61 6.82
C GLU B 153 20.33 33.80 8.10
N LYS B 154 19.28 33.69 8.91
CA LYS B 154 19.38 32.93 10.15
C LYS B 154 19.83 31.50 9.93
N ILE B 155 19.61 30.95 8.74
CA ILE B 155 20.03 29.59 8.48
C ILE B 155 21.55 29.55 8.33
N ILE B 156 22.06 29.97 7.18
CA ILE B 156 23.50 29.96 6.95
C ILE B 156 24.29 30.38 8.18
N LYS B 157 23.70 31.23 9.00
CA LYS B 157 24.36 31.72 10.22
C LYS B 157 24.29 30.68 11.35
N LYS B 158 23.20 29.95 11.48
CA LYS B 158 23.14 28.96 12.54
C LYS B 158 23.81 27.66 12.14
N CYS B 159 24.35 27.61 10.94
CA CYS B 159 25.03 26.40 10.50
C CYS B 159 26.50 26.51 10.84
N SER B 160 27.02 27.70 10.69
CA SER B 160 28.41 27.96 10.98
C SER B 160 28.46 29.20 11.91
N PRO B 161 27.89 29.09 13.10
CA PRO B 161 27.86 30.19 14.07
C PRO B 161 29.20 30.77 14.36
N SER B 162 29.26 32.10 14.37
CA SER B 162 30.50 32.81 14.65
C SER B 162 30.89 32.66 16.11
N VAL B 163 32.16 32.85 16.40
CA VAL B 163 32.64 32.72 17.78
C VAL B 163 31.73 33.48 18.75
N PRO B 164 31.30 32.85 19.83
CA PRO B 164 30.43 33.50 20.81
C PRO B 164 31.03 34.78 21.38
N LYS B 165 30.19 35.81 21.56
CA LYS B 165 30.62 37.11 22.11
C LYS B 165 30.94 37.02 23.60
N GLU B 166 32.06 37.61 24.01
CA GLU B 166 32.44 37.58 25.43
C GLU B 166 31.29 37.90 26.39
N GLU B 167 30.51 38.92 26.02
CA GLU B 167 29.37 39.35 26.82
C GLU B 167 28.36 38.23 27.05
N LEU B 168 27.92 37.62 25.94
CA LEU B 168 26.95 36.53 26.00
C LEU B 168 27.40 35.41 26.92
N VAL B 169 28.69 35.09 26.86
CA VAL B 169 29.24 34.02 27.69
C VAL B 169 29.11 34.36 29.15
N ASP B 170 29.60 35.54 29.53
CA ASP B 170 29.53 35.99 30.91
C ASP B 170 28.09 35.99 31.37
N LEU B 171 27.20 36.52 30.51
CA LEU B 171 25.79 36.59 30.83
C LEU B 171 25.20 35.20 31.02
N TYR B 172 25.76 34.23 30.30
CA TYR B 172 25.32 32.85 30.38
C TYR B 172 25.74 32.31 31.76
N LEU B 173 27.03 32.36 32.05
CA LEU B 173 27.54 31.89 33.32
C LEU B 173 26.70 32.40 34.50
N LYS B 174 26.47 33.71 34.53
CA LYS B 174 25.70 34.34 35.60
C LYS B 174 24.34 33.67 35.75
N GLU B 175 23.71 33.34 34.62
CA GLU B 175 22.39 32.71 34.65
C GLU B 175 22.45 31.27 35.18
N ILE B 176 23.46 30.51 34.75
CA ILE B 176 23.62 29.13 35.16
C ILE B 176 23.84 29.05 36.66
N ALA B 177 24.44 30.10 37.20
CA ALA B 177 24.71 30.19 38.63
C ALA B 177 23.44 30.52 39.43
N LYS B 178 22.62 31.42 38.88
CA LYS B 178 21.36 31.83 39.52
C LYS B 178 20.32 30.69 39.48
N THR B 179 20.71 29.54 38.93
CA THR B 179 19.81 28.39 38.84
C THR B 179 20.32 27.18 39.62
N TYR B 180 21.64 27.06 39.72
CA TYR B 180 22.25 25.93 40.43
C TYR B 180 22.86 26.29 41.78
N ASP B 181 23.02 27.59 42.04
CA ASP B 181 23.59 28.10 43.30
C ASP B 181 25.01 27.61 43.49
N VAL B 182 25.94 28.18 42.73
CA VAL B 182 27.32 27.80 42.84
C VAL B 182 28.09 29.03 43.30
N PRO B 183 29.35 28.85 43.71
CA PRO B 183 30.21 29.95 44.17
C PRO B 183 30.04 31.28 43.42
N TYR B 184 29.85 32.36 44.16
CA TYR B 184 29.68 33.71 43.61
C TYR B 184 31.04 34.30 43.17
N SER B 185 32.11 33.77 43.76
CA SER B 185 33.50 34.18 43.48
C SER B 185 33.98 33.53 42.18
N LYS B 186 33.04 33.02 41.40
CA LYS B 186 33.33 32.38 40.13
C LYS B 186 32.46 32.97 39.00
N LEU B 187 31.34 33.58 39.40
CA LEU B 187 30.41 34.16 38.43
C LEU B 187 30.78 35.59 38.04
N GLU B 188 30.95 36.46 39.02
CA GLU B 188 31.33 37.85 38.76
C GLU B 188 32.85 37.98 38.69
N ASN B 189 33.52 36.87 38.41
CA ASN B 189 34.98 36.86 38.31
C ASN B 189 35.45 36.77 36.84
N SER B 190 34.71 36.00 36.02
CA SER B 190 35.03 35.82 34.60
C SER B 190 35.31 37.16 33.89
N MET C 5 21.49 9.31 -8.93
CA MET C 5 22.62 10.15 -8.41
C MET C 5 23.24 11.09 -9.49
N ILE C 6 23.63 10.50 -10.64
CA ILE C 6 24.23 11.20 -11.80
C ILE C 6 23.22 12.00 -12.69
N PRO C 7 23.68 13.04 -13.44
CA PRO C 7 22.81 13.85 -14.31
C PRO C 7 21.94 13.00 -15.25
N PHE C 8 20.80 13.54 -15.69
CA PHE C 8 19.84 12.85 -16.56
C PHE C 8 20.44 12.30 -17.87
N THR C 9 21.00 13.20 -18.69
CA THR C 9 21.63 12.83 -19.94
C THR C 9 22.45 11.54 -19.87
N ILE C 10 23.05 11.27 -18.70
CA ILE C 10 23.88 10.09 -18.51
C ILE C 10 23.06 8.86 -18.23
N LYS C 11 22.20 8.96 -17.21
CA LYS C 11 21.36 7.84 -16.85
C LYS C 11 20.59 7.37 -18.09
N LEU C 12 19.98 8.29 -18.84
CA LEU C 12 19.24 7.87 -20.03
C LEU C 12 20.15 7.20 -21.09
N LYS C 13 21.32 7.79 -21.32
CA LYS C 13 22.26 7.25 -22.29
C LYS C 13 22.63 5.81 -21.92
N THR C 14 22.97 5.60 -20.66
CA THR C 14 23.36 4.28 -20.22
C THR C 14 22.17 3.34 -20.30
N CYS C 15 20.99 3.83 -19.95
CA CYS C 15 19.77 3.01 -19.96
C CYS C 15 19.49 2.49 -21.38
N LEU C 16 19.44 3.41 -22.33
CA LEU C 16 19.17 3.04 -23.71
C LEU C 16 20.22 2.06 -24.24
N LYS C 17 21.49 2.42 -24.08
CA LYS C 17 22.57 1.58 -24.54
C LYS C 17 22.38 0.15 -24.10
N MET C 18 21.79 -0.02 -22.92
CA MET C 18 21.52 -1.35 -22.39
C MET C 18 20.48 -2.07 -23.23
N CYS C 19 19.30 -1.46 -23.35
CA CYS C 19 18.22 -2.05 -24.14
C CYS C 19 18.74 -2.52 -25.49
N ILE C 20 19.60 -1.71 -26.10
CA ILE C 20 20.19 -2.08 -27.38
C ILE C 20 20.93 -3.39 -27.26
N GLN C 21 21.95 -3.39 -26.40
CA GLN C 21 22.74 -4.59 -26.17
C GLN C 21 21.84 -5.81 -26.09
N ARG C 22 20.90 -5.82 -25.14
CA ARG C 22 20.01 -6.98 -24.97
C ARG C 22 19.04 -7.22 -26.14
N LEU C 23 18.45 -6.14 -26.68
CA LEU C 23 17.54 -6.26 -27.80
C LEU C 23 18.19 -7.03 -28.91
N ARG C 24 19.45 -6.71 -29.14
CA ARG C 24 20.19 -7.36 -30.20
C ARG C 24 20.43 -8.80 -29.80
N TYR C 25 20.78 -9.04 -28.53
CA TYR C 25 21.04 -10.39 -28.05
C TYR C 25 19.82 -11.24 -28.36
N ALA C 26 18.65 -10.71 -28.04
CA ALA C 26 17.42 -11.45 -28.30
C ALA C 26 17.32 -11.77 -29.79
N GLN C 27 17.69 -10.79 -30.61
CA GLN C 27 17.65 -10.98 -32.05
C GLN C 27 18.51 -12.15 -32.51
N GLU C 28 19.81 -12.02 -32.29
CA GLU C 28 20.74 -13.06 -32.70
C GLU C 28 20.29 -14.43 -32.22
N LYS C 29 19.79 -14.50 -30.97
CA LYS C 29 19.35 -15.77 -30.40
C LYS C 29 18.05 -16.28 -31.05
N GLN C 30 17.03 -15.43 -31.17
CA GLN C 30 15.78 -15.87 -31.77
C GLN C 30 15.90 -16.16 -33.25
N GLN C 31 16.77 -15.41 -33.92
CA GLN C 31 17.00 -15.61 -35.34
C GLN C 31 17.55 -17.00 -35.58
N ALA C 32 18.60 -17.34 -34.84
CA ALA C 32 19.21 -18.65 -34.98
C ALA C 32 18.21 -19.73 -34.57
N ILE C 33 17.40 -19.43 -33.55
CA ILE C 33 16.38 -20.36 -33.06
C ILE C 33 15.28 -20.59 -34.09
N ALA C 34 14.80 -19.49 -34.69
CA ALA C 34 13.77 -19.57 -35.70
C ALA C 34 14.28 -20.34 -36.92
N LYS C 35 15.55 -20.14 -37.27
CA LYS C 35 16.15 -20.81 -38.44
C LYS C 35 16.24 -22.34 -38.24
N GLN C 36 16.41 -22.79 -37.02
CA GLN C 36 16.47 -24.22 -36.78
C GLN C 36 15.06 -24.77 -36.83
N SER C 37 14.08 -23.90 -36.53
CA SER C 37 12.67 -24.28 -36.58
C SER C 37 12.26 -24.57 -38.02
N ARG C 38 12.75 -23.74 -38.95
CA ARG C 38 12.46 -23.93 -40.36
C ARG C 38 12.95 -25.32 -40.77
N ARG C 39 14.16 -25.67 -40.33
CA ARG C 39 14.76 -26.96 -40.65
C ARG C 39 13.80 -28.08 -40.26
N GLN C 40 13.30 -28.01 -39.03
CA GLN C 40 12.36 -29.01 -38.53
C GLN C 40 11.05 -29.01 -39.33
N VAL C 41 10.64 -27.83 -39.80
CA VAL C 41 9.42 -27.72 -40.57
C VAL C 41 9.57 -28.64 -41.78
N ALA C 42 10.73 -28.60 -42.42
CA ALA C 42 11.00 -29.43 -43.61
C ALA C 42 11.06 -30.90 -43.21
N GLN C 43 11.52 -31.16 -41.99
CA GLN C 43 11.64 -32.53 -41.49
C GLN C 43 10.24 -33.15 -41.35
N LEU C 44 9.25 -32.32 -41.00
CA LEU C 44 7.87 -32.79 -40.83
C LEU C 44 7.19 -33.12 -42.16
N LEU C 45 7.70 -32.54 -43.24
CA LEU C 45 7.17 -32.75 -44.58
C LEU C 45 7.62 -34.10 -45.09
N LEU C 46 8.88 -34.44 -44.83
CA LEU C 46 9.45 -35.71 -45.27
C LEU C 46 8.92 -36.86 -44.38
N THR C 47 7.85 -36.58 -43.61
CA THR C 47 7.21 -37.57 -42.72
C THR C 47 5.67 -37.56 -42.89
N ASN C 48 5.19 -37.12 -44.06
CA ASN C 48 3.76 -37.05 -44.37
C ASN C 48 2.89 -36.41 -43.29
N LYS C 49 3.54 -35.81 -42.30
CA LYS C 49 2.85 -35.15 -41.21
C LYS C 49 2.41 -33.78 -41.67
N GLU C 50 1.55 -33.77 -42.68
CA GLU C 50 1.01 -32.56 -43.26
C GLU C 50 0.50 -31.62 -42.19
N GLN C 51 -0.50 -32.07 -41.42
CA GLN C 51 -1.10 -31.25 -40.36
C GLN C 51 -0.13 -30.69 -39.32
N LYS C 52 0.73 -31.55 -38.78
CA LYS C 52 1.72 -31.15 -37.78
C LYS C 52 2.78 -30.24 -38.42
N ALA C 53 2.81 -30.16 -39.73
CA ALA C 53 3.77 -29.30 -40.40
C ALA C 53 3.12 -27.96 -40.73
N HIS C 54 1.79 -27.94 -40.79
CA HIS C 54 1.05 -26.70 -41.09
C HIS C 54 0.97 -25.79 -39.86
N TYR C 55 0.20 -26.22 -38.86
CA TYR C 55 0.06 -25.43 -37.66
C TYR C 55 1.42 -24.97 -37.13
N ARG C 56 2.43 -25.84 -37.27
CA ARG C 56 3.83 -25.59 -36.86
C ARG C 56 4.36 -24.31 -37.49
N VAL C 57 4.14 -24.19 -38.80
CA VAL C 57 4.61 -23.04 -39.53
C VAL C 57 3.90 -21.79 -39.05
N GLU C 58 2.60 -21.87 -38.75
CA GLU C 58 1.91 -20.67 -38.26
C GLU C 58 2.71 -20.01 -37.17
N THR C 59 3.32 -20.84 -36.33
CA THR C 59 4.15 -20.38 -35.23
C THR C 59 5.39 -19.70 -35.82
N LEU C 60 6.02 -20.31 -36.82
CA LEU C 60 7.20 -19.73 -37.46
C LEU C 60 6.96 -18.29 -37.89
N ILE C 61 5.72 -17.95 -38.23
CA ILE C 61 5.38 -16.59 -38.66
C ILE C 61 5.35 -15.65 -37.46
N HIS C 62 4.68 -16.05 -36.39
CA HIS C 62 4.61 -15.20 -35.21
C HIS C 62 5.96 -14.91 -34.63
N ASP C 63 6.81 -15.93 -34.62
CA ASP C 63 8.16 -15.77 -34.11
C ASP C 63 8.92 -14.83 -35.06
N ASP C 64 8.73 -15.01 -36.36
CA ASP C 64 9.41 -14.14 -37.33
C ASP C 64 8.87 -12.73 -37.16
N ILE C 65 7.57 -12.59 -36.91
CA ILE C 65 6.95 -11.27 -36.74
C ILE C 65 7.47 -10.60 -35.48
N HIS C 66 7.73 -11.41 -34.46
CA HIS C 66 8.25 -10.91 -33.20
C HIS C 66 9.64 -10.29 -33.50
N ILE C 67 10.51 -11.06 -34.15
CA ILE C 67 11.85 -10.58 -34.48
C ILE C 67 11.83 -9.21 -35.16
N GLU C 68 10.92 -9.03 -36.11
CA GLU C 68 10.80 -7.75 -36.81
C GLU C 68 10.56 -6.72 -35.72
N LEU C 69 9.58 -6.99 -34.85
CA LEU C 69 9.26 -6.08 -33.76
C LEU C 69 10.52 -5.64 -33.05
N LEU C 70 11.47 -6.55 -32.92
CA LEU C 70 12.73 -6.21 -32.24
C LEU C 70 13.62 -5.26 -33.05
N GLU C 71 13.92 -5.61 -34.29
CA GLU C 71 14.78 -4.76 -35.14
C GLU C 71 14.24 -3.33 -35.15
N ILE C 72 12.91 -3.22 -35.11
CA ILE C 72 12.22 -1.94 -35.11
C ILE C 72 12.43 -1.22 -33.77
N LEU C 73 12.28 -1.96 -32.68
CA LEU C 73 12.46 -1.40 -31.35
C LEU C 73 13.94 -1.00 -31.25
N GLU C 74 14.83 -1.86 -31.78
CA GLU C 74 16.26 -1.58 -31.77
C GLU C 74 16.46 -0.17 -32.30
N LEU C 75 16.18 -0.03 -33.59
CA LEU C 75 16.31 1.22 -34.25
C LEU C 75 15.77 2.35 -33.35
N TYR C 76 14.48 2.29 -33.01
CA TYR C 76 13.85 3.33 -32.17
C TYR C 76 14.76 3.82 -31.02
N CYS C 77 15.42 2.87 -30.34
CA CYS C 77 16.33 3.22 -29.25
C CYS C 77 17.49 4.02 -29.86
N GLU C 78 18.26 3.37 -30.73
CA GLU C 78 19.40 3.98 -31.41
C GLU C 78 19.06 5.41 -31.80
N LEU C 79 17.83 5.59 -32.31
CA LEU C 79 17.37 6.90 -32.72
C LEU C 79 17.36 7.84 -31.50
N LEU C 80 16.79 7.38 -30.38
CA LEU C 80 16.74 8.20 -29.16
C LEU C 80 18.14 8.40 -28.56
N LEU C 81 18.96 7.35 -28.60
CA LEU C 81 20.31 7.40 -28.07
C LEU C 81 21.02 8.60 -28.64
N ALA C 82 20.97 8.74 -29.96
CA ALA C 82 21.64 9.84 -30.61
C ALA C 82 21.03 11.19 -30.24
N ARG C 83 19.71 11.28 -30.34
CA ARG C 83 19.01 12.52 -30.01
C ARG C 83 18.90 12.76 -28.51
N VAL C 84 19.72 12.07 -27.71
CA VAL C 84 19.68 12.25 -26.28
C VAL C 84 19.68 13.70 -25.91
N GLN C 85 20.55 14.46 -26.56
CA GLN C 85 20.65 15.90 -26.26
C GLN C 85 19.31 16.63 -26.41
N VAL C 86 18.49 16.19 -27.36
CA VAL C 86 17.19 16.81 -27.62
C VAL C 86 16.10 16.31 -26.66
N ILE C 87 16.34 15.14 -26.07
CA ILE C 87 15.42 14.53 -25.13
C ILE C 87 15.49 15.22 -23.78
N ASN C 88 16.66 15.77 -23.49
CA ASN C 88 16.90 16.45 -22.23
C ASN C 88 16.17 17.79 -22.15
N ASP C 89 15.87 18.36 -23.31
CA ASP C 89 15.17 19.65 -23.36
C ASP C 89 13.66 19.43 -23.51
N ILE C 90 13.10 18.56 -22.67
CA ILE C 90 11.67 18.25 -22.71
C ILE C 90 11.15 17.93 -21.31
N SER C 91 9.91 18.33 -21.05
CA SER C 91 9.30 18.12 -19.73
C SER C 91 7.77 17.96 -19.79
N THR C 92 7.17 18.34 -20.91
CA THR C 92 5.73 18.23 -21.06
C THR C 92 5.36 17.41 -22.28
N GLU C 93 4.15 16.86 -22.28
CA GLU C 93 3.72 16.07 -23.41
C GLU C 93 3.65 16.94 -24.66
N GLU C 94 2.92 18.05 -24.57
CA GLU C 94 2.74 18.99 -25.68
C GLU C 94 4.04 19.15 -26.47
N GLN C 95 5.14 19.21 -25.74
CA GLN C 95 6.44 19.35 -26.38
C GLN C 95 6.73 18.21 -27.33
N LEU C 96 6.92 17.03 -26.78
CA LEU C 96 7.22 15.86 -27.57
C LEU C 96 6.21 15.62 -28.68
N VAL C 97 4.93 15.75 -28.34
CA VAL C 97 3.85 15.51 -29.30
C VAL C 97 3.94 16.35 -30.57
N LYS C 98 3.63 17.64 -30.48
CA LYS C 98 3.65 18.49 -31.65
C LYS C 98 4.94 19.28 -31.86
N GLU C 99 6.09 18.62 -31.70
CA GLU C 99 7.37 19.30 -31.90
C GLU C 99 8.51 18.36 -32.27
N HIS C 100 8.41 17.12 -31.80
CA HIS C 100 9.41 16.13 -32.11
C HIS C 100 8.74 14.92 -32.76
N MET C 101 7.94 15.19 -33.79
CA MET C 101 7.22 14.15 -34.48
C MET C 101 7.79 13.97 -35.86
N ASP C 102 8.61 14.92 -36.29
CA ASP C 102 9.25 14.86 -37.60
C ASP C 102 10.55 14.08 -37.55
N ASP C 103 11.26 14.21 -36.42
CA ASP C 103 12.53 13.51 -36.22
C ASP C 103 12.31 12.06 -35.76
N GLY C 104 11.07 11.73 -35.42
CA GLY C 104 10.77 10.38 -34.97
C GLY C 104 11.01 10.15 -33.51
N ILE C 105 11.31 11.22 -32.79
CA ILE C 105 11.58 11.06 -31.38
C ILE C 105 10.36 10.46 -30.68
N ASN C 106 9.18 11.02 -30.94
CA ASN C 106 7.94 10.56 -30.32
C ASN C 106 7.53 9.15 -30.71
N GLU C 107 7.45 8.94 -32.02
CA GLU C 107 7.09 7.65 -32.58
C GLU C 107 8.01 6.55 -32.04
N ALA C 108 9.12 6.95 -31.44
CA ALA C 108 10.08 5.98 -30.93
C ALA C 108 9.89 5.68 -29.46
N ILE C 109 9.88 6.74 -28.65
CA ILE C 109 9.73 6.58 -27.21
C ILE C 109 8.37 6.05 -26.81
N ARG C 110 7.31 6.63 -27.35
CA ARG C 110 5.97 6.18 -26.98
C ARG C 110 5.81 4.68 -27.22
N SER C 111 6.26 4.20 -28.39
CA SER C 111 6.13 2.78 -28.70
C SER C 111 6.91 1.89 -27.75
N LEU C 112 8.20 2.18 -27.59
CA LEU C 112 9.08 1.40 -26.71
C LEU C 112 8.44 1.07 -25.36
N ILE C 113 7.82 2.08 -24.76
CA ILE C 113 7.15 1.96 -23.47
C ILE C 113 6.02 0.92 -23.58
N TYR C 114 5.25 0.99 -24.67
CA TYR C 114 4.13 0.07 -24.92
C TYR C 114 4.68 -1.37 -24.95
N ALA C 115 5.70 -1.55 -25.77
CA ALA C 115 6.34 -2.83 -25.95
C ALA C 115 6.73 -3.52 -24.66
N ILE C 116 6.93 -2.74 -23.60
CA ILE C 116 7.37 -3.32 -22.32
C ILE C 116 6.73 -4.65 -21.97
N LEU C 117 5.44 -4.60 -21.70
CA LEU C 117 4.67 -5.79 -21.32
C LEU C 117 4.94 -6.99 -22.25
N PHE C 118 4.71 -6.77 -23.55
CA PHE C 118 4.85 -7.75 -24.64
C PHE C 118 6.21 -8.42 -24.89
N VAL C 119 7.28 -7.68 -24.66
CA VAL C 119 8.63 -8.21 -24.84
C VAL C 119 9.22 -8.33 -23.46
N ASP C 120 9.39 -9.54 -22.96
CA ASP C 120 9.96 -9.69 -21.63
C ASP C 120 11.41 -10.14 -21.64
N GLU C 121 12.02 -10.20 -22.83
CA GLU C 121 13.41 -10.63 -22.97
C GLU C 121 14.38 -9.46 -22.88
N VAL C 122 13.83 -8.29 -22.60
CA VAL C 122 14.59 -7.06 -22.48
C VAL C 122 14.07 -6.31 -21.25
N LYS C 123 13.99 -7.00 -20.13
CA LYS C 123 13.46 -6.41 -18.91
C LYS C 123 13.87 -4.94 -18.70
N GLU C 124 15.12 -4.62 -19.05
CA GLU C 124 15.64 -3.26 -18.87
C GLU C 124 14.77 -2.19 -19.50
N LEU C 125 13.91 -2.60 -20.43
CA LEU C 125 13.03 -1.64 -21.08
C LEU C 125 12.23 -0.86 -20.05
N SER C 126 11.60 -1.59 -19.14
CA SER C 126 10.78 -0.96 -18.10
C SER C 126 11.46 0.27 -17.49
N GLN C 127 12.78 0.21 -17.38
CA GLN C 127 13.55 1.31 -16.81
C GLN C 127 13.23 2.63 -17.49
N LEU C 128 12.99 2.56 -18.79
CA LEU C 128 12.65 3.75 -19.56
C LEU C 128 11.36 4.36 -19.05
N LYS C 129 10.39 3.51 -18.72
CA LYS C 129 9.13 4.01 -18.23
C LYS C 129 9.42 4.84 -16.97
N ASP C 130 10.14 4.24 -16.03
CA ASP C 130 10.47 4.95 -14.80
C ASP C 130 11.20 6.25 -15.12
N LEU C 131 12.23 6.18 -15.96
CA LEU C 131 12.99 7.36 -16.32
C LEU C 131 12.20 8.41 -17.10
N MET C 132 10.89 8.20 -17.24
CA MET C 132 10.04 9.15 -17.97
C MET C 132 9.36 10.09 -16.99
N ALA C 133 9.08 9.57 -15.79
CA ALA C 133 8.46 10.36 -14.75
C ALA C 133 9.60 11.27 -14.24
N TRP C 134 10.83 10.79 -14.45
CA TRP C 134 12.07 11.49 -14.07
C TRP C 134 12.19 12.74 -14.95
N LYS C 135 11.68 12.66 -16.18
CA LYS C 135 11.74 13.78 -17.13
C LYS C 135 10.39 14.44 -17.37
N ILE C 136 9.32 13.68 -17.18
CA ILE C 136 7.96 14.21 -17.36
C ILE C 136 7.11 13.93 -16.12
N ASN C 137 6.32 12.86 -16.16
CA ASN C 137 5.45 12.50 -15.03
C ASN C 137 5.10 11.01 -15.03
N VAL C 138 4.29 10.56 -14.06
CA VAL C 138 3.88 9.15 -13.99
C VAL C 138 2.58 8.97 -14.75
N GLU C 139 2.02 10.09 -15.22
CA GLU C 139 0.77 10.10 -15.96
C GLU C 139 0.98 9.80 -17.44
N PHE C 140 2.12 10.27 -17.98
CA PHE C 140 2.46 10.07 -19.39
C PHE C 140 2.53 8.58 -19.72
N VAL C 141 3.30 7.82 -18.91
CA VAL C 141 3.45 6.38 -19.12
C VAL C 141 2.12 5.64 -19.11
N ASN C 142 1.25 5.96 -18.16
CA ASN C 142 -0.04 5.30 -18.09
C ASN C 142 -0.94 5.67 -19.29
N GLY C 143 -0.62 6.79 -19.95
CA GLY C 143 -1.39 7.24 -21.10
C GLY C 143 -0.98 6.52 -22.38
N VAL C 144 0.12 5.77 -22.29
CA VAL C 144 0.62 5.01 -23.42
C VAL C 144 0.23 3.54 -23.17
N ILE C 145 0.70 2.97 -22.07
CA ILE C 145 0.38 1.58 -21.78
C ILE C 145 -1.12 1.31 -21.79
N ALA C 146 -1.94 2.35 -21.66
CA ALA C 146 -3.38 2.15 -21.66
C ALA C 146 -4.05 2.55 -22.97
N ASP C 147 -3.84 3.79 -23.42
CA ASP C 147 -4.48 4.27 -24.64
C ASP C 147 -3.54 4.42 -25.81
N HIS C 148 -2.41 3.73 -25.75
CA HIS C 148 -1.40 3.79 -26.82
C HIS C 148 -1.52 5.02 -27.70
N ILE C 149 -1.53 6.19 -27.07
CA ILE C 149 -1.63 7.45 -27.78
C ILE C 149 -0.46 7.62 -28.75
N ASP C 150 -0.77 7.69 -30.04
CA ASP C 150 0.21 7.86 -31.11
C ASP C 150 1.18 6.69 -31.29
N VAL C 151 0.77 5.49 -30.90
CA VAL C 151 1.62 4.30 -31.06
C VAL C 151 1.47 3.76 -32.47
N PRO C 152 2.58 3.70 -33.23
CA PRO C 152 2.58 3.20 -34.61
C PRO C 152 1.66 2.00 -34.85
N GLU C 153 1.08 1.92 -36.05
CA GLU C 153 0.17 0.85 -36.39
C GLU C 153 0.93 -0.47 -36.42
N LYS C 154 2.03 -0.47 -37.18
CA LYS C 154 2.84 -1.67 -37.30
C LYS C 154 3.31 -2.18 -35.93
N ILE C 155 3.39 -1.30 -34.93
CA ILE C 155 3.82 -1.75 -33.61
C ILE C 155 2.70 -2.57 -32.91
N ILE C 156 1.64 -1.92 -32.45
CA ILE C 156 0.53 -2.60 -31.78
C ILE C 156 0.13 -3.91 -32.48
N LYS C 157 0.32 -3.93 -33.80
CA LYS C 157 -0.01 -5.11 -34.61
C LYS C 157 1.04 -6.20 -34.46
N LYS C 158 2.32 -5.87 -34.54
CA LYS C 158 3.38 -6.89 -34.40
C LYS C 158 3.57 -7.35 -32.97
N CYS C 159 2.75 -6.83 -32.05
CA CYS C 159 2.85 -7.22 -30.65
C CYS C 159 1.83 -8.30 -30.42
N SER C 160 0.67 -8.11 -31.02
CA SER C 160 -0.38 -9.09 -30.91
C SER C 160 -0.83 -9.39 -32.35
N PRO C 161 0.06 -10.06 -33.13
CA PRO C 161 -0.22 -10.42 -34.52
C PRO C 161 -1.46 -11.27 -34.72
N SER C 162 -2.30 -10.89 -35.68
CA SER C 162 -3.53 -11.64 -35.94
C SER C 162 -3.22 -13.03 -36.52
N VAL C 163 -4.15 -13.98 -36.32
CA VAL C 163 -3.96 -15.35 -36.80
C VAL C 163 -3.43 -15.34 -38.23
N PRO C 164 -2.35 -16.12 -38.53
CA PRO C 164 -1.78 -16.15 -39.89
C PRO C 164 -2.79 -16.51 -41.01
N LYS C 165 -2.70 -15.84 -42.17
CA LYS C 165 -3.63 -16.13 -43.27
C LYS C 165 -3.30 -17.49 -43.92
N GLU C 166 -4.30 -18.32 -44.16
CA GLU C 166 -4.05 -19.62 -44.78
C GLU C 166 -3.11 -19.56 -45.98
N GLU C 167 -3.29 -18.51 -46.79
CA GLU C 167 -2.49 -18.27 -47.99
C GLU C 167 -0.99 -18.15 -47.70
N LEU C 168 -0.65 -17.22 -46.81
CA LEU C 168 0.74 -16.97 -46.41
C LEU C 168 1.41 -18.26 -45.87
N VAL C 169 0.63 -19.13 -45.21
CA VAL C 169 1.14 -20.39 -44.66
C VAL C 169 1.56 -21.33 -45.77
N ASP C 170 0.63 -21.56 -46.70
CA ASP C 170 0.90 -22.42 -47.85
C ASP C 170 2.12 -21.87 -48.60
N LEU C 171 2.12 -20.56 -48.85
CA LEU C 171 3.21 -19.90 -49.55
C LEU C 171 4.55 -20.09 -48.87
N TYR C 172 4.52 -20.15 -47.54
CA TYR C 172 5.71 -20.35 -46.72
C TYR C 172 6.21 -21.77 -46.92
N LEU C 173 5.32 -22.74 -46.71
CA LEU C 173 5.64 -24.14 -46.88
C LEU C 173 6.34 -24.38 -48.21
N LYS C 174 5.72 -23.88 -49.28
CA LYS C 174 6.23 -24.01 -50.64
C LYS C 174 7.67 -23.49 -50.69
N GLU C 175 7.93 -22.39 -50.01
CA GLU C 175 9.27 -21.80 -49.99
C GLU C 175 10.27 -22.64 -49.23
N ILE C 176 9.87 -23.13 -48.06
CA ILE C 176 10.76 -23.95 -47.23
C ILE C 176 11.11 -25.25 -47.94
N ALA C 177 10.25 -25.69 -48.85
CA ALA C 177 10.50 -26.92 -49.59
C ALA C 177 11.50 -26.66 -50.72
N LYS C 178 11.37 -25.51 -51.39
CA LYS C 178 12.25 -25.14 -52.50
C LYS C 178 13.68 -24.81 -52.02
N THR C 179 13.94 -24.88 -50.71
CA THR C 179 15.27 -24.59 -50.15
C THR C 179 15.91 -25.81 -49.50
N TYR C 180 15.07 -26.73 -49.03
CA TYR C 180 15.54 -27.95 -48.36
C TYR C 180 15.39 -29.24 -49.17
N ASP C 181 14.71 -29.18 -50.30
CA ASP C 181 14.49 -30.35 -51.15
C ASP C 181 13.38 -31.25 -50.59
N VAL C 182 12.13 -30.93 -50.90
CA VAL C 182 11.00 -31.71 -50.43
C VAL C 182 9.68 -31.30 -51.11
N PRO C 183 8.83 -32.28 -51.43
CA PRO C 183 7.54 -31.98 -52.08
C PRO C 183 6.34 -32.39 -51.22
N TYR C 184 5.28 -31.60 -51.28
CA TYR C 184 4.08 -31.89 -50.53
C TYR C 184 2.91 -31.31 -51.29
N SER C 185 1.70 -31.57 -50.78
CA SER C 185 0.48 -31.08 -51.39
C SER C 185 -0.75 -31.52 -50.58
N LYS C 186 -1.74 -30.62 -50.45
CA LYS C 186 -2.95 -30.90 -49.69
C LYS C 186 -3.83 -31.96 -50.37
N MET D 5 1.34 -52.81 5.54
CA MET D 5 -0.15 -52.77 5.67
C MET D 5 -0.55 -52.30 7.07
N ILE D 6 -1.01 -51.06 7.17
CA ILE D 6 -1.45 -50.46 8.47
C ILE D 6 -2.97 -50.80 8.69
N PRO D 7 -3.48 -50.72 9.96
CA PRO D 7 -4.88 -51.00 10.31
C PRO D 7 -5.86 -49.93 9.80
N PHE D 8 -7.10 -49.95 10.29
CA PHE D 8 -8.06 -48.91 9.88
C PHE D 8 -8.77 -48.29 11.08
N THR D 9 -9.51 -49.14 11.81
CA THR D 9 -10.25 -48.74 13.00
C THR D 9 -9.39 -47.82 13.87
N ILE D 10 -8.08 -48.02 13.81
CA ILE D 10 -7.16 -47.21 14.62
C ILE D 10 -6.85 -45.90 13.93
N LYS D 11 -6.43 -45.95 12.67
CA LYS D 11 -6.09 -44.71 11.98
C LYS D 11 -7.28 -43.75 12.02
N LEU D 12 -8.47 -44.24 11.68
CA LEU D 12 -9.64 -43.38 11.70
C LEU D 12 -9.92 -42.77 13.08
N LYS D 13 -9.95 -43.60 14.13
CA LYS D 13 -10.21 -43.12 15.49
C LYS D 13 -9.23 -41.99 15.87
N THR D 14 -7.95 -42.17 15.55
CA THR D 14 -6.94 -41.17 15.90
C THR D 14 -7.17 -39.93 15.06
N CYS D 15 -7.51 -40.16 13.79
CA CYS D 15 -7.76 -39.06 12.85
C CYS D 15 -8.91 -38.16 13.34
N LEU D 16 -10.06 -38.77 13.62
CA LEU D 16 -11.22 -38.03 14.10
C LEU D 16 -10.92 -37.33 15.41
N LYS D 17 -10.41 -38.07 16.40
CA LYS D 17 -10.07 -37.51 17.70
C LYS D 17 -9.30 -36.20 17.55
N MET D 18 -8.50 -36.15 16.49
CA MET D 18 -7.67 -34.98 16.18
C MET D 18 -8.64 -33.84 15.79
N CYS D 19 -9.40 -34.07 14.72
CA CYS D 19 -10.34 -33.07 14.26
C CYS D 19 -11.10 -32.47 15.42
N ILE D 20 -11.47 -33.31 16.38
CA ILE D 20 -12.21 -32.82 17.53
C ILE D 20 -11.40 -31.83 18.33
N GLN D 21 -10.21 -32.26 18.72
CA GLN D 21 -9.31 -31.42 19.49
C GLN D 21 -9.19 -30.03 18.87
N ARG D 22 -8.81 -29.99 17.60
CA ARG D 22 -8.64 -28.71 16.91
C ARG D 22 -9.95 -27.93 16.65
N LEU D 23 -11.02 -28.64 16.27
CA LEU D 23 -12.30 -28.00 16.03
C LEU D 23 -12.77 -27.27 17.26
N ARG D 24 -12.49 -27.85 18.42
CA ARG D 24 -12.89 -27.22 19.65
C ARG D 24 -11.96 -26.05 19.91
N TYR D 25 -10.67 -26.21 19.64
CA TYR D 25 -9.68 -25.13 19.85
C TYR D 25 -10.22 -23.92 19.08
N ALA D 26 -10.56 -24.13 17.81
CA ALA D 26 -11.07 -23.04 16.98
C ALA D 26 -12.28 -22.39 17.63
N GLN D 27 -13.13 -23.22 18.22
CA GLN D 27 -14.30 -22.70 18.88
C GLN D 27 -13.95 -21.77 20.01
N GLU D 28 -13.25 -22.28 21.00
CA GLU D 28 -12.89 -21.47 22.14
C GLU D 28 -12.20 -20.18 21.73
N LYS D 29 -11.33 -20.26 20.73
CA LYS D 29 -10.61 -19.07 20.28
C LYS D 29 -11.53 -18.08 19.56
N GLN D 30 -12.31 -18.56 18.59
CA GLN D 30 -13.22 -17.68 17.85
C GLN D 30 -14.34 -17.11 18.70
N GLN D 31 -14.80 -17.89 19.66
CA GLN D 31 -15.86 -17.45 20.55
C GLN D 31 -15.37 -16.24 21.33
N ALA D 32 -14.21 -16.39 21.93
CA ALA D 32 -13.64 -15.31 22.71
C ALA D 32 -13.38 -14.14 21.79
N ILE D 33 -12.86 -14.43 20.60
CA ILE D 33 -12.57 -13.38 19.61
C ILE D 33 -13.84 -12.66 19.23
N ALA D 34 -14.88 -13.42 18.86
CA ALA D 34 -16.14 -12.82 18.49
C ALA D 34 -16.65 -11.96 19.64
N LYS D 35 -16.51 -12.44 20.87
CA LYS D 35 -17.02 -11.71 22.03
C LYS D 35 -16.36 -10.35 22.22
N GLN D 36 -15.10 -10.25 21.85
CA GLN D 36 -14.43 -8.98 21.98
C GLN D 36 -14.88 -8.07 20.84
N SER D 37 -15.30 -8.66 19.73
CA SER D 37 -15.78 -7.86 18.62
C SER D 37 -17.03 -7.12 19.07
N ARG D 38 -17.95 -7.85 19.69
CA ARG D 38 -19.20 -7.27 20.18
C ARG D 38 -18.86 -6.03 20.98
N ARG D 39 -17.91 -6.17 21.89
CA ARG D 39 -17.50 -5.06 22.75
C ARG D 39 -17.17 -3.86 21.88
N GLN D 40 -16.35 -4.09 20.85
CA GLN D 40 -15.98 -3.00 19.98
C GLN D 40 -17.21 -2.44 19.26
N VAL D 41 -18.17 -3.29 18.94
CA VAL D 41 -19.39 -2.82 18.26
C VAL D 41 -20.08 -1.75 19.08
N ALA D 42 -20.11 -1.94 20.39
CA ALA D 42 -20.72 -0.98 21.27
C ALA D 42 -19.87 0.28 21.28
N GLN D 43 -18.56 0.09 21.23
CA GLN D 43 -17.62 1.22 21.25
C GLN D 43 -17.89 2.16 20.09
N LEU D 44 -18.25 1.60 18.95
CA LEU D 44 -18.54 2.40 17.77
C LEU D 44 -19.84 3.18 17.87
N LEU D 45 -20.74 2.73 18.73
CA LEU D 45 -22.03 3.39 18.90
C LEU D 45 -21.82 4.64 19.72
N LEU D 46 -20.98 4.53 20.73
CA LEU D 46 -20.70 5.66 21.60
C LEU D 46 -19.82 6.69 20.90
N THR D 47 -19.69 6.57 19.58
CA THR D 47 -18.87 7.48 18.78
C THR D 47 -19.66 7.95 17.56
N ASN D 48 -20.98 7.85 17.63
CA ASN D 48 -21.83 8.27 16.53
C ASN D 48 -21.43 7.66 15.20
N LYS D 49 -20.60 6.63 15.22
CA LYS D 49 -20.20 6.01 13.98
C LYS D 49 -21.19 4.93 13.57
N GLU D 50 -22.43 5.37 13.30
CA GLU D 50 -23.53 4.51 12.89
C GLU D 50 -23.13 3.57 11.77
N GLN D 51 -22.75 4.14 10.63
CA GLN D 51 -22.36 3.33 9.50
C GLN D 51 -21.28 2.31 9.82
N LYS D 52 -20.17 2.79 10.38
CA LYS D 52 -19.05 1.90 10.71
C LYS D 52 -19.48 0.90 11.74
N ALA D 53 -20.60 1.13 12.40
CA ALA D 53 -21.07 0.19 13.41
C ALA D 53 -21.97 -0.83 12.77
N HIS D 54 -22.62 -0.43 11.69
CA HIS D 54 -23.55 -1.33 11.01
C HIS D 54 -22.77 -2.41 10.28
N TYR D 55 -22.20 -2.06 9.15
CA TYR D 55 -21.44 -3.02 8.39
C TYR D 55 -20.55 -3.89 9.28
N ARG D 56 -20.09 -3.34 10.40
CA ARG D 56 -19.22 -4.09 11.32
C ARG D 56 -19.93 -5.28 11.86
N VAL D 57 -21.15 -5.03 12.29
CA VAL D 57 -21.97 -6.07 12.85
C VAL D 57 -22.27 -7.16 11.83
N GLU D 58 -22.50 -6.80 10.57
CA GLU D 58 -22.76 -7.82 9.55
C GLU D 58 -21.71 -8.88 9.66
N THR D 59 -20.48 -8.44 9.88
CA THR D 59 -19.36 -9.36 10.03
C THR D 59 -19.58 -10.22 11.24
N LEU D 60 -19.94 -9.60 12.36
CA LEU D 60 -20.18 -10.34 13.58
C LEU D 60 -21.15 -11.54 13.35
N ILE D 61 -22.09 -11.39 12.41
CA ILE D 61 -23.05 -12.44 12.11
C ILE D 61 -22.35 -13.59 11.39
N HIS D 62 -21.65 -13.28 10.32
CA HIS D 62 -20.95 -14.34 9.62
C HIS D 62 -19.93 -15.08 10.47
N ASP D 63 -19.34 -14.39 11.42
CA ASP D 63 -18.38 -15.02 12.32
C ASP D 63 -19.17 -15.92 13.26
N ASP D 64 -20.27 -15.40 13.80
CA ASP D 64 -21.10 -16.19 14.70
C ASP D 64 -21.63 -17.42 13.95
N ILE D 65 -22.04 -17.25 12.69
CA ILE D 65 -22.56 -18.36 11.90
C ILE D 65 -21.47 -19.39 11.64
N HIS D 66 -20.24 -18.93 11.47
CA HIS D 66 -19.14 -19.84 11.26
C HIS D 66 -19.08 -20.71 12.52
N ILE D 67 -18.94 -20.07 13.70
CA ILE D 67 -18.87 -20.84 14.93
C ILE D 67 -19.91 -21.94 14.98
N GLU D 68 -21.15 -21.61 14.62
CA GLU D 68 -22.20 -22.62 14.62
C GLU D 68 -21.75 -23.79 13.72
N LEU D 69 -21.29 -23.50 12.52
CA LEU D 69 -20.87 -24.58 11.64
C LEU D 69 -19.80 -25.43 12.29
N LEU D 70 -19.09 -24.87 13.27
CA LEU D 70 -18.07 -25.66 13.96
C LEU D 70 -18.75 -26.61 14.93
N GLU D 71 -19.49 -26.06 15.89
CA GLU D 71 -20.19 -26.92 16.87
C GLU D 71 -20.89 -28.11 16.20
N ILE D 72 -21.43 -27.85 15.01
CA ILE D 72 -22.12 -28.86 14.22
C ILE D 72 -21.12 -29.89 13.67
N LEU D 73 -20.00 -29.42 13.13
CA LEU D 73 -18.99 -30.32 12.59
C LEU D 73 -18.37 -31.14 13.72
N GLU D 74 -18.25 -30.52 14.91
CA GLU D 74 -17.69 -31.18 16.10
C GLU D 74 -18.56 -32.40 16.41
N LEU D 75 -19.84 -32.16 16.65
CA LEU D 75 -20.74 -33.24 16.92
C LEU D 75 -20.61 -34.30 15.82
N TYR D 76 -20.85 -33.97 14.55
CA TYR D 76 -20.72 -34.97 13.49
C TYR D 76 -19.49 -35.89 13.65
N CYS D 77 -18.37 -35.34 14.14
CA CYS D 77 -17.14 -36.14 14.36
C CYS D 77 -17.44 -37.12 15.47
N GLU D 78 -17.66 -36.56 16.66
CA GLU D 78 -17.95 -37.34 17.87
C GLU D 78 -18.92 -38.49 17.58
N LEU D 79 -19.94 -38.23 16.77
CA LEU D 79 -20.92 -39.23 16.39
C LEU D 79 -20.19 -40.33 15.59
N LEU D 80 -19.35 -39.95 14.62
CA LEU D 80 -18.59 -40.95 13.88
C LEU D 80 -17.55 -41.71 14.76
N LEU D 81 -16.87 -40.98 15.65
CA LEU D 81 -15.87 -41.55 16.57
C LEU D 81 -16.44 -42.70 17.37
N ALA D 82 -17.67 -42.56 17.87
CA ALA D 82 -18.31 -43.62 18.64
C ALA D 82 -18.72 -44.77 17.70
N ARG D 83 -19.32 -44.43 16.55
CA ARG D 83 -19.77 -45.43 15.56
C ARG D 83 -18.63 -45.95 14.67
N VAL D 84 -17.40 -45.77 15.14
CA VAL D 84 -16.23 -46.23 14.41
C VAL D 84 -16.43 -47.69 14.02
N GLN D 85 -16.81 -48.51 15.00
CA GLN D 85 -17.03 -49.95 14.78
C GLN D 85 -17.95 -50.19 13.58
N VAL D 86 -18.98 -49.35 13.44
CA VAL D 86 -19.95 -49.48 12.34
C VAL D 86 -19.39 -48.95 11.01
N ILE D 87 -18.41 -48.05 11.11
CA ILE D 87 -17.78 -47.44 9.96
C ILE D 87 -16.87 -48.43 9.25
N ASN D 88 -16.25 -49.29 10.04
CA ASN D 88 -15.33 -50.29 9.54
C ASN D 88 -16.04 -51.31 8.65
N ASP D 89 -17.33 -51.53 8.89
CA ASP D 89 -18.07 -52.49 8.10
C ASP D 89 -18.72 -51.84 6.87
N ILE D 90 -17.94 -51.07 6.12
CA ILE D 90 -18.47 -50.42 4.95
C ILE D 90 -17.41 -50.32 3.87
N SER D 91 -17.84 -50.46 2.61
CA SER D 91 -16.92 -50.40 1.46
C SER D 91 -17.52 -49.81 0.17
N THR D 92 -18.84 -49.68 0.13
CA THR D 92 -19.52 -49.12 -1.06
C THR D 92 -20.45 -47.96 -0.70
N GLU D 93 -20.81 -47.13 -1.68
CA GLU D 93 -21.70 -45.99 -1.41
C GLU D 93 -23.08 -46.45 -1.01
N GLU D 94 -23.64 -47.35 -1.80
CA GLU D 94 -24.95 -47.88 -1.52
C GLU D 94 -25.12 -48.22 -0.04
N GLN D 95 -24.08 -48.77 0.58
CA GLN D 95 -24.13 -49.12 2.00
C GLN D 95 -24.46 -47.94 2.91
N LEU D 96 -23.53 -46.99 3.00
CA LEU D 96 -23.70 -45.81 3.82
C LEU D 96 -24.98 -45.05 3.47
N VAL D 97 -25.24 -44.90 2.16
CA VAL D 97 -26.41 -44.15 1.69
C VAL D 97 -27.74 -44.64 2.24
N LYS D 98 -28.20 -45.79 1.76
CA LYS D 98 -29.47 -46.34 2.20
C LYS D 98 -29.36 -47.43 3.28
N GLU D 99 -28.55 -47.18 4.30
CA GLU D 99 -28.41 -48.14 5.40
C GLU D 99 -27.96 -47.47 6.70
N HIS D 100 -27.19 -46.40 6.57
CA HIS D 100 -26.70 -45.68 7.75
C HIS D 100 -27.12 -44.21 7.65
N MET D 101 -28.42 -44.02 7.44
CA MET D 101 -28.96 -42.68 7.28
C MET D 101 -29.83 -42.34 8.49
N ASP D 102 -30.20 -43.36 9.25
CA ASP D 102 -31.02 -43.19 10.45
C ASP D 102 -30.17 -42.84 11.66
N ASP D 103 -28.99 -43.45 11.75
CA ASP D 103 -28.06 -43.21 12.85
C ASP D 103 -27.23 -41.94 12.65
N GLY D 104 -27.41 -41.27 11.51
CA GLY D 104 -26.68 -40.05 11.22
C GLY D 104 -25.24 -40.26 10.81
N ILE D 105 -24.88 -41.48 10.45
CA ILE D 105 -23.51 -41.73 10.05
C ILE D 105 -23.23 -41.04 8.71
N ASN D 106 -24.15 -41.14 7.75
CA ASN D 106 -23.96 -40.52 6.42
C ASN D 106 -23.99 -38.98 6.43
N GLU D 107 -24.99 -38.44 7.13
CA GLU D 107 -25.20 -37.00 7.26
C GLU D 107 -24.04 -36.30 8.00
N ALA D 108 -23.11 -37.10 8.53
CA ALA D 108 -21.96 -36.58 9.30
C ALA D 108 -20.65 -36.63 8.54
N ILE D 109 -20.38 -37.78 7.92
CA ILE D 109 -19.17 -37.93 7.15
C ILE D 109 -19.29 -37.14 5.84
N ARG D 110 -20.40 -37.30 5.12
CA ARG D 110 -20.52 -36.59 3.85
C ARG D 110 -20.31 -35.09 3.99
N SER D 111 -20.94 -34.48 5.00
CA SER D 111 -20.79 -33.05 5.19
C SER D 111 -19.33 -32.69 5.55
N LEU D 112 -18.77 -33.34 6.58
CA LEU D 112 -17.39 -33.08 7.02
C LEU D 112 -16.40 -32.96 5.86
N ILE D 113 -16.53 -33.83 4.88
CA ILE D 113 -15.67 -33.80 3.71
C ILE D 113 -15.88 -32.50 2.94
N TYR D 114 -17.15 -32.07 2.85
CA TYR D 114 -17.50 -30.83 2.16
C TYR D 114 -16.81 -29.61 2.80
N ALA D 115 -17.05 -29.49 4.10
CA ALA D 115 -16.50 -28.40 4.90
C ALA D 115 -14.99 -28.19 4.74
N ILE D 116 -14.27 -29.24 4.33
CA ILE D 116 -12.81 -29.14 4.17
C ILE D 116 -12.38 -27.81 3.60
N LEU D 117 -12.63 -27.60 2.31
CA LEU D 117 -12.24 -26.35 1.67
C LEU D 117 -12.59 -25.14 2.55
N PHE D 118 -13.86 -25.04 2.94
CA PHE D 118 -14.38 -23.92 3.75
C PHE D 118 -13.78 -23.64 5.13
N VAL D 119 -13.36 -24.68 5.83
CA VAL D 119 -12.78 -24.50 7.16
C VAL D 119 -11.31 -24.88 7.06
N ASP D 120 -10.43 -23.88 7.09
CA ASP D 120 -9.00 -24.15 6.99
C ASP D 120 -8.29 -24.09 8.35
N GLU D 121 -9.05 -23.95 9.44
CA GLU D 121 -8.44 -23.89 10.77
C GLU D 121 -8.35 -25.28 11.40
N VAL D 122 -8.74 -26.28 10.63
CA VAL D 122 -8.72 -27.68 11.04
C VAL D 122 -8.13 -28.49 9.87
N LYS D 123 -6.95 -28.11 9.39
CA LYS D 123 -6.31 -28.79 8.25
C LYS D 123 -6.46 -30.30 8.30
N GLU D 124 -6.36 -30.85 9.49
CA GLU D 124 -6.47 -32.29 9.70
C GLU D 124 -7.69 -32.92 9.06
N LEU D 125 -8.70 -32.11 8.78
CA LEU D 125 -9.93 -32.62 8.18
C LEU D 125 -9.66 -33.31 6.86
N SER D 126 -8.87 -32.67 6.00
CA SER D 126 -8.54 -33.26 4.70
C SER D 126 -8.12 -34.73 4.81
N GLN D 127 -7.48 -35.08 5.93
CA GLN D 127 -7.05 -36.47 6.15
C GLN D 127 -8.21 -37.44 6.03
N LEU D 128 -9.40 -37.02 6.47
CA LEU D 128 -10.56 -37.88 6.39
C LEU D 128 -10.86 -38.20 4.94
N LYS D 129 -10.80 -37.20 4.05
CA LYS D 129 -11.07 -37.42 2.64
C LYS D 129 -10.18 -38.56 2.14
N ASP D 130 -8.87 -38.43 2.40
CA ASP D 130 -7.91 -39.45 2.01
C ASP D 130 -8.30 -40.82 2.63
N LEU D 131 -8.56 -40.84 3.94
CA LEU D 131 -8.93 -42.09 4.61
C LEU D 131 -10.29 -42.61 4.14
N MET D 132 -10.82 -42.01 3.07
CA MET D 132 -12.11 -42.46 2.52
C MET D 132 -11.85 -43.38 1.34
N ALA D 133 -10.80 -43.08 0.60
CA ALA D 133 -10.41 -43.91 -0.54
C ALA D 133 -9.85 -45.21 0.04
N TRP D 134 -9.36 -45.11 1.29
CA TRP D 134 -8.77 -46.22 2.09
C TRP D 134 -9.86 -47.23 2.50
N LYS D 135 -11.10 -46.75 2.60
CA LYS D 135 -12.23 -47.57 2.98
C LYS D 135 -13.16 -47.74 1.81
N ILE D 136 -13.21 -46.73 0.95
CA ILE D 136 -14.07 -46.79 -0.23
C ILE D 136 -13.29 -46.57 -1.54
N ASN D 137 -13.30 -45.36 -2.06
CA ASN D 137 -12.59 -45.05 -3.30
C ASN D 137 -12.27 -43.55 -3.39
N VAL D 138 -11.63 -43.16 -4.49
CA VAL D 138 -11.27 -41.75 -4.70
C VAL D 138 -12.42 -41.06 -5.45
N GLU D 139 -13.41 -41.84 -5.88
CA GLU D 139 -14.56 -41.30 -6.61
C GLU D 139 -15.64 -40.73 -5.65
N PHE D 140 -15.79 -41.35 -4.47
CA PHE D 140 -16.75 -40.93 -3.46
C PHE D 140 -16.52 -39.51 -3.02
N VAL D 141 -15.28 -39.19 -2.64
CA VAL D 141 -14.91 -37.85 -2.18
C VAL D 141 -15.18 -36.79 -3.25
N ASN D 142 -14.83 -37.06 -4.50
CA ASN D 142 -15.08 -36.09 -5.57
C ASN D 142 -16.58 -35.90 -5.81
N GLY D 143 -17.38 -36.87 -5.37
CA GLY D 143 -18.83 -36.79 -5.54
C GLY D 143 -19.49 -35.94 -4.47
N VAL D 144 -18.74 -35.61 -3.43
CA VAL D 144 -19.24 -34.78 -2.34
C VAL D 144 -18.72 -33.36 -2.54
N ILE D 145 -17.41 -33.18 -2.66
CA ILE D 145 -16.83 -31.84 -2.84
C ILE D 145 -17.32 -31.18 -4.14
N ALA D 146 -17.92 -31.96 -5.03
CA ALA D 146 -18.45 -31.41 -6.29
C ALA D 146 -19.98 -31.27 -6.32
N ASP D 147 -20.69 -32.37 -6.10
CA ASP D 147 -22.15 -32.35 -6.14
C ASP D 147 -22.81 -32.52 -4.79
N HIS D 148 -22.12 -32.14 -3.71
CA HIS D 148 -22.60 -32.27 -2.32
C HIS D 148 -23.84 -33.15 -2.16
N ILE D 149 -23.71 -34.36 -2.70
CA ILE D 149 -24.76 -35.37 -2.67
C ILE D 149 -25.13 -35.66 -1.23
N ASP D 150 -26.37 -35.34 -0.90
CA ASP D 150 -26.91 -35.55 0.46
C ASP D 150 -26.25 -34.70 1.55
N VAL D 151 -25.73 -33.52 1.18
CA VAL D 151 -25.11 -32.62 2.17
C VAL D 151 -26.18 -31.75 2.83
N PRO D 152 -26.35 -31.85 4.15
CA PRO D 152 -27.34 -31.07 4.89
C PRO D 152 -27.52 -29.66 4.36
N GLU D 153 -28.73 -29.16 4.49
CA GLU D 153 -29.04 -27.82 4.02
C GLU D 153 -28.33 -26.81 4.88
N LYS D 154 -28.52 -26.92 6.19
CA LYS D 154 -27.89 -25.99 7.13
C LYS D 154 -26.38 -25.96 6.97
N ILE D 155 -25.81 -27.02 6.43
CA ILE D 155 -24.36 -27.07 6.23
C ILE D 155 -24.01 -26.16 5.04
N ILE D 156 -24.15 -26.64 3.81
CA ILE D 156 -23.83 -25.83 2.63
C ILE D 156 -24.17 -24.34 2.80
N LYS D 157 -25.17 -24.04 3.63
CA LYS D 157 -25.63 -22.66 3.88
C LYS D 157 -24.77 -21.95 4.95
N LYS D 158 -24.32 -22.67 5.97
CA LYS D 158 -23.48 -22.03 6.99
C LYS D 158 -22.03 -21.95 6.52
N CYS D 159 -21.77 -22.45 5.32
CA CYS D 159 -20.42 -22.41 4.80
C CYS D 159 -20.27 -21.16 3.97
N SER D 160 -21.31 -20.83 3.22
CA SER D 160 -21.29 -19.64 2.39
C SER D 160 -22.52 -18.80 2.71
N PRO D 161 -22.64 -18.34 3.96
CA PRO D 161 -23.79 -17.55 4.37
C PRO D 161 -24.14 -16.38 3.48
N SER D 162 -25.44 -16.28 3.20
CA SER D 162 -25.98 -15.21 2.36
C SER D 162 -25.86 -13.91 3.11
N VAL D 163 -25.80 -12.80 2.39
CA VAL D 163 -25.68 -11.47 3.00
C VAL D 163 -26.69 -11.28 4.14
N PRO D 164 -26.27 -10.75 5.28
CA PRO D 164 -27.19 -10.56 6.40
C PRO D 164 -28.41 -9.67 6.09
N LYS D 165 -29.58 -10.06 6.61
CA LYS D 165 -30.83 -9.30 6.41
C LYS D 165 -30.82 -8.03 7.24
N GLU D 166 -31.14 -6.92 6.60
CA GLU D 166 -31.16 -5.67 7.32
C GLU D 166 -31.80 -5.78 8.69
N GLU D 167 -32.96 -6.43 8.76
CA GLU D 167 -33.67 -6.61 10.02
C GLU D 167 -32.79 -7.20 11.11
N LEU D 168 -32.20 -8.36 10.82
CA LEU D 168 -31.35 -9.07 11.77
C LEU D 168 -30.26 -8.18 12.31
N VAL D 169 -29.70 -7.35 11.44
CA VAL D 169 -28.65 -6.47 11.84
C VAL D 169 -29.16 -5.48 12.89
N ASP D 170 -30.24 -4.77 12.56
CA ASP D 170 -30.82 -3.80 13.48
C ASP D 170 -31.16 -4.44 14.80
N LEU D 171 -31.75 -5.62 14.74
CA LEU D 171 -32.14 -6.35 15.93
C LEU D 171 -30.91 -6.68 16.76
N TYR D 172 -29.80 -6.93 16.06
CA TYR D 172 -28.53 -7.25 16.71
C TYR D 172 -28.08 -6.02 17.48
N LEU D 173 -27.87 -4.93 16.76
CA LEU D 173 -27.46 -3.69 17.38
C LEU D 173 -28.27 -3.39 18.64
N LYS D 174 -29.59 -3.42 18.51
CA LYS D 174 -30.47 -3.13 19.64
C LYS D 174 -30.07 -3.98 20.84
N GLU D 175 -29.79 -5.25 20.60
CA GLU D 175 -29.42 -6.15 21.69
C GLU D 175 -28.08 -5.81 22.29
N ILE D 176 -27.10 -5.50 21.45
CA ILE D 176 -25.78 -5.17 21.93
C ILE D 176 -25.81 -3.93 22.79
N ALA D 177 -26.78 -3.06 22.53
CA ALA D 177 -26.90 -1.82 23.29
C ALA D 177 -27.53 -2.10 24.64
N LYS D 178 -28.54 -2.98 24.66
CA LYS D 178 -29.25 -3.34 25.88
C LYS D 178 -28.36 -4.17 26.82
N THR D 179 -27.10 -4.41 26.43
CA THR D 179 -26.19 -5.18 27.28
C THR D 179 -24.98 -4.36 27.73
N TYR D 180 -24.55 -3.42 26.89
CA TYR D 180 -23.40 -2.58 27.20
C TYR D 180 -23.85 -1.20 27.59
N ASP D 181 -25.15 -0.99 27.40
CA ASP D 181 -25.82 0.27 27.67
C ASP D 181 -25.17 1.39 26.87
N VAL D 182 -25.70 1.64 25.68
CA VAL D 182 -25.19 2.67 24.78
C VAL D 182 -26.27 3.19 23.87
N PRO D 183 -26.21 4.48 23.55
CA PRO D 183 -27.20 5.05 22.68
C PRO D 183 -27.09 4.50 21.27
N TYR D 184 -28.24 4.17 20.70
CA TYR D 184 -28.33 3.65 19.35
C TYR D 184 -29.51 4.23 18.59
N SER D 185 -29.27 4.59 17.33
CA SER D 185 -30.27 5.17 16.43
C SER D 185 -31.69 4.62 16.59
N LYS D 186 -32.12 3.79 15.63
CA LYS D 186 -33.46 3.20 15.64
C LYS D 186 -33.85 2.34 16.86
N LEU D 187 -33.50 2.79 18.06
CA LEU D 187 -33.84 2.07 19.28
C LEU D 187 -35.31 2.30 19.53
N GLU D 188 -35.64 3.52 19.94
CA GLU D 188 -37.02 3.87 20.23
C GLU D 188 -37.53 4.79 19.14
N ASN D 189 -38.07 4.21 18.07
CA ASN D 189 -38.61 5.01 16.98
C ASN D 189 -39.91 4.44 16.39
N SER D 190 -39.89 3.14 16.08
CA SER D 190 -41.04 2.41 15.50
C SER D 190 -41.61 2.94 14.20
N LEU D 191 -41.67 2.06 13.21
CA LEU D 191 -42.19 2.40 11.89
C LEU D 191 -41.61 1.48 10.79
N SER D 192 -42.29 0.36 10.51
CA SER D 192 -41.82 -0.62 9.50
C SER D 192 -41.38 0.05 8.18
N ASP E 13 -6.06 16.19 32.44
CA ASP E 13 -6.43 14.96 33.20
C ASP E 13 -6.17 13.67 32.42
N ASP E 14 -7.25 12.99 31.98
CA ASP E 14 -7.12 11.75 31.21
C ASP E 14 -8.24 11.52 30.16
N GLU E 15 -9.50 11.58 30.58
CA GLU E 15 -10.62 11.38 29.66
C GLU E 15 -10.98 12.66 28.91
N LYS E 16 -10.29 13.75 29.25
CA LYS E 16 -10.54 15.05 28.63
C LYS E 16 -10.01 15.15 27.19
N GLU E 17 -8.92 14.44 26.90
CA GLU E 17 -8.31 14.45 25.56
C GLU E 17 -9.09 13.57 24.57
N ASP E 18 -9.88 12.66 25.13
CA ASP E 18 -10.70 11.74 24.34
C ASP E 18 -11.80 12.49 23.63
N LYS E 19 -12.60 13.24 24.39
CA LYS E 19 -13.68 14.02 23.81
C LYS E 19 -13.07 15.03 22.85
N LEU E 20 -11.97 15.65 23.27
CA LEU E 20 -11.26 16.63 22.46
C LEU E 20 -11.10 16.14 21.03
N ALA E 21 -10.64 14.90 20.90
CA ALA E 21 -10.43 14.28 19.60
C ALA E 21 -11.78 14.10 18.91
N GLN E 22 -12.73 13.56 19.65
CA GLN E 22 -14.08 13.33 19.13
C GLN E 22 -14.63 14.65 18.53
N ARG E 23 -14.42 15.76 19.24
CA ARG E 23 -14.90 17.05 18.76
C ARG E 23 -14.04 17.57 17.62
N LEU E 24 -12.75 17.28 17.65
CA LEU E 24 -11.89 17.76 16.58
C LEU E 24 -12.43 17.39 15.20
N ARG E 25 -12.55 16.08 14.93
CA ARG E 25 -13.02 15.58 13.64
C ARG E 25 -14.25 16.34 13.14
N ALA E 26 -15.36 16.22 13.85
CA ALA E 26 -16.58 16.90 13.44
C ALA E 26 -16.25 18.34 13.06
N LEU E 27 -15.37 18.97 13.84
CA LEU E 27 -15.01 20.36 13.57
C LEU E 27 -14.40 20.63 12.19
N ARG E 28 -14.22 19.59 11.38
CA ARG E 28 -13.66 19.76 10.04
C ARG E 28 -14.70 19.42 9.01
N GLY E 29 -15.71 18.67 9.42
CA GLY E 29 -16.76 18.26 8.52
C GLY E 29 -17.27 19.43 7.68
N ASP F 13 16.53 18.21 41.73
CA ASP F 13 15.43 19.03 41.12
C ASP F 13 15.03 18.51 39.72
N ASP F 14 14.12 19.22 39.07
CA ASP F 14 13.63 18.88 37.71
C ASP F 14 12.84 20.04 37.10
N GLU F 15 11.89 20.57 37.88
CA GLU F 15 11.04 21.68 37.44
C GLU F 15 11.83 22.98 37.51
N LYS F 16 13.03 22.93 38.10
CA LYS F 16 13.90 24.10 38.20
C LYS F 16 14.70 24.25 36.90
N GLU F 17 14.93 23.14 36.21
CA GLU F 17 15.69 23.13 34.95
C GLU F 17 14.85 23.58 33.75
N ASP F 18 13.66 24.10 34.04
CA ASP F 18 12.76 24.58 33.00
C ASP F 18 13.28 25.87 32.40
N LYS F 19 13.07 26.98 33.10
CA LYS F 19 13.54 28.27 32.64
C LYS F 19 15.07 28.29 32.51
N LEU F 20 15.70 27.22 33.02
CA LEU F 20 17.17 27.03 32.98
C LEU F 20 17.75 27.35 31.61
N ALA F 21 17.14 26.74 30.60
CA ALA F 21 17.57 26.97 29.23
C ALA F 21 16.62 27.99 28.62
N GLN F 22 15.42 28.09 29.16
CA GLN F 22 14.44 29.01 28.61
C GLN F 22 14.90 30.47 28.54
N ARG F 23 15.22 31.05 29.69
CA ARG F 23 15.64 32.45 29.70
C ARG F 23 16.86 32.62 28.80
N LEU F 24 17.60 31.53 28.62
CA LEU F 24 18.77 31.57 27.76
C LEU F 24 18.36 31.83 26.31
N ARG F 25 17.35 31.10 25.81
CA ARG F 25 16.89 31.28 24.42
C ARG F 25 16.58 32.74 24.14
N ALA F 26 16.22 33.47 25.18
CA ALA F 26 15.94 34.88 25.03
C ALA F 26 17.26 35.67 25.01
N LEU F 27 18.22 35.25 25.84
CA LEU F 27 19.49 35.95 25.90
C LEU F 27 20.16 36.17 24.56
N ARG F 28 19.93 35.28 23.60
CA ARG F 28 20.53 35.45 22.28
C ARG F 28 19.57 36.15 21.30
N GLY F 29 18.29 35.76 21.32
CA GLY F 29 17.33 36.38 20.42
C GLY F 29 15.98 35.69 20.36
N ASP G 14 24.84 -25.46 -45.62
CA ASP G 14 25.80 -24.41 -45.14
C ASP G 14 25.61 -23.06 -45.83
N GLU G 15 25.10 -22.07 -45.07
CA GLU G 15 24.85 -20.71 -45.54
C GLU G 15 24.01 -20.63 -46.83
N LYS G 16 23.56 -21.81 -47.30
CA LYS G 16 22.68 -21.95 -48.46
C LYS G 16 21.30 -22.12 -47.78
N GLU G 17 21.37 -22.39 -46.46
CA GLU G 17 20.23 -22.57 -45.54
C GLU G 17 20.06 -21.22 -44.79
N ASP G 18 20.76 -20.20 -45.28
CA ASP G 18 20.72 -18.85 -44.72
C ASP G 18 20.15 -17.96 -45.82
N LYS G 19 20.11 -18.49 -47.05
CA LYS G 19 19.56 -17.77 -48.21
C LYS G 19 18.03 -17.78 -48.02
N LEU G 20 17.53 -18.84 -47.38
CA LEU G 20 16.10 -18.99 -47.10
C LEU G 20 15.75 -17.93 -46.09
N ALA G 21 16.76 -17.56 -45.30
CA ALA G 21 16.63 -16.56 -44.26
C ALA G 21 16.63 -15.17 -44.89
N GLN G 22 16.44 -15.11 -46.20
CA GLN G 22 16.39 -13.83 -46.88
C GLN G 22 15.15 -13.81 -47.77
N ARG G 23 14.81 -14.97 -48.34
CA ARG G 23 13.66 -15.08 -49.22
C ARG G 23 12.34 -15.12 -48.45
N LEU G 24 12.42 -15.32 -47.14
CA LEU G 24 11.21 -15.35 -46.33
C LEU G 24 10.96 -13.98 -45.73
N ARG G 25 11.93 -13.08 -45.87
CA ARG G 25 11.79 -11.73 -45.33
C ARG G 25 10.88 -10.88 -46.23
N ALA G 26 11.09 -10.96 -47.55
CA ALA G 26 10.27 -10.21 -48.52
C ALA G 26 9.01 -11.00 -48.86
N LEU G 27 8.49 -11.71 -47.86
CA LEU G 27 7.27 -12.51 -48.02
C LEU G 27 6.28 -12.09 -46.94
N ARG G 28 6.70 -11.16 -46.08
CA ARG G 28 5.87 -10.66 -45.00
C ARG G 28 5.38 -9.23 -45.26
N GLY G 29 6.31 -8.27 -45.18
CA GLY G 29 5.94 -6.87 -45.40
C GLY G 29 5.96 -6.05 -44.12
N VAL H 12 -18.80 -1.28 29.61
CA VAL H 12 -18.20 -2.61 29.94
C VAL H 12 -18.92 -3.29 31.11
N ASP H 13 -18.57 -4.56 31.35
CA ASP H 13 -19.16 -5.36 32.44
C ASP H 13 -18.31 -6.61 32.69
N ASP H 14 -18.84 -7.61 33.41
CA ASP H 14 -18.07 -8.84 33.72
C ASP H 14 -18.68 -10.15 33.21
N GLU H 15 -19.99 -10.32 33.42
CA GLU H 15 -20.68 -11.54 33.00
C GLU H 15 -21.91 -11.31 32.12
N LYS H 16 -22.45 -10.09 32.12
CA LYS H 16 -23.64 -9.76 31.31
C LYS H 16 -23.46 -10.26 29.87
N GLU H 17 -22.25 -10.11 29.32
CA GLU H 17 -21.96 -10.54 27.96
C GLU H 17 -22.12 -12.04 27.83
N ASP H 18 -21.90 -12.73 28.94
CA ASP H 18 -22.07 -14.18 28.94
C ASP H 18 -23.55 -14.48 28.72
N LYS H 19 -24.39 -13.45 28.84
CA LYS H 19 -25.81 -13.63 28.62
C LYS H 19 -26.16 -13.17 27.20
N LEU H 20 -25.47 -12.14 26.73
CA LEU H 20 -25.71 -11.62 25.39
C LEU H 20 -25.63 -12.73 24.34
N ALA H 21 -24.56 -13.53 24.42
CA ALA H 21 -24.35 -14.63 23.49
C ALA H 21 -25.65 -15.36 23.29
N GLN H 22 -26.29 -15.68 24.41
CA GLN H 22 -27.57 -16.38 24.37
C GLN H 22 -28.51 -15.67 23.39
N ARG H 23 -28.99 -14.48 23.76
CA ARG H 23 -29.93 -13.73 22.93
C ARG H 23 -29.60 -13.79 21.44
N LEU H 24 -28.33 -13.53 21.13
CA LEU H 24 -27.82 -13.54 19.78
C LEU H 24 -28.01 -14.92 19.15
N ARG H 25 -27.35 -15.90 19.76
CA ARG H 25 -27.39 -17.29 19.32
C ARG H 25 -28.83 -17.77 19.19
N ALA H 26 -29.76 -17.03 19.78
CA ALA H 26 -31.15 -17.44 19.71
C ALA H 26 -31.92 -16.56 18.73
N LEU H 27 -31.66 -15.26 18.77
CA LEU H 27 -32.36 -14.34 17.89
C LEU H 27 -31.95 -14.52 16.45
N ARG H 28 -30.98 -15.39 16.22
CA ARG H 28 -30.49 -15.66 14.88
C ARG H 28 -31.33 -16.73 14.19
N GLY H 29 -32.59 -16.86 14.62
CA GLY H 29 -33.47 -17.84 14.05
C GLY H 29 -33.17 -19.25 14.51
#